data_5JWB
#
_entry.id   5JWB
#
_cell.length_a   191.530
_cell.length_b   191.530
_cell.length_c   91.258
_cell.angle_alpha   90.000
_cell.angle_beta   90.000
_cell.angle_gamma   90.000
#
_symmetry.space_group_name_H-M   'I 41'
#
loop_
_entity.id
_entity.type
_entity.pdbx_description
1 polymer 'Type II NADH:ubiquinone oxidoreductase'
2 non-polymer 'FLAVIN-ADENINE DINUCLEOTIDE'
3 non-polymer 'MAGNESIUM ION'
4 non-polymer 'FRAGMENT OF TRITON X-100'
5 non-polymer NICOTINAMIDE-ADENINE-DINUCLEOTIDE
6 non-polymer 'ACETATE ION'
7 non-polymer '3-CYCLOHEXYL-1-PROPYLSULFONIC ACID'
8 water water
#
_entity_poly.entity_id   1
_entity_poly.type   'polypeptide(L)'
_entity_poly.pdbx_seq_one_letter_code
;MRGSHHHHHHGSNVAKNNLKNNKDIERKEKIIILGSGWGGFNFLLNIDFKKYDVTLISPRNYFTFTPLLPCLCSGTLSVN
VCTESIRNFLRKKNGYCGNYLQLECTDVFYEDKYINCIDIENNKVKLFYDYLIIAVGAKTNTFNINGVDKYAYFVKDIDD
ALKIRKKFLDILEKCTLPNISNEEKKKMLHVAVVGGGPTGVEVTAEFADFINKEVKINYKDIFNFISISIIEGGNNLLPT
FTQNISDFTKENFHNLNINVLTNYYVIDVDKHSFHIQSSLNKNEKKKLSYGLLIWASGLAQTTLIQKFLKTIPVQANNAI
LKVDEKLRVIGIPSNNIYAIGDCKKIQPKLLHEHTNEIIKILTGNKLTSEALKLKQSELTKTFPQLSISKWDYEKNKKGE
MTPQQFHDYLFEIDKNYKSPTPTAQNAKQEAYYLSNVFNNFIHTNQKFNIPSFIEKWKGSLAYIGNHQVVADLPYYELKG
GRFSSTFWKVVYIQLLLSWKSRFHFFIDFIKTKWYGRPFIK
;
_entity_poly.pdbx_strand_id   A,H
#
# COMPACT_ATOMS: atom_id res chain seq x y z
N ARG A 27 23.01 33.75 -0.40
CA ARG A 27 24.23 33.99 -1.16
C ARG A 27 25.13 32.75 -1.13
N LYS A 28 24.70 31.71 -0.40
CA LYS A 28 25.30 30.38 -0.52
C LYS A 28 25.05 29.90 -1.93
N GLU A 29 25.99 29.13 -2.48
CA GLU A 29 25.79 28.61 -3.82
C GLU A 29 24.68 27.58 -3.84
N LYS A 30 23.94 27.55 -4.94
CA LYS A 30 22.81 26.66 -5.06
C LYS A 30 23.18 25.38 -5.81
N ILE A 31 23.02 24.24 -5.14
CA ILE A 31 23.14 22.96 -5.81
C ILE A 31 21.77 22.35 -6.06
N ILE A 32 21.39 22.22 -7.32
CA ILE A 32 20.20 21.44 -7.62
C ILE A 32 20.56 19.98 -7.94
N ILE A 33 19.90 19.06 -7.22
CA ILE A 33 20.00 17.63 -7.46
C ILE A 33 18.75 17.12 -8.14
N LEU A 34 18.89 16.57 -9.33
CA LEU A 34 17.76 15.92 -10.00
C LEU A 34 17.78 14.43 -9.71
N GLY A 35 16.70 13.93 -9.11
CA GLY A 35 16.53 12.51 -8.85
C GLY A 35 16.62 12.17 -7.37
N SER A 36 15.75 11.26 -6.90
CA SER A 36 15.81 10.81 -5.52
C SER A 36 16.18 9.31 -5.43
N GLY A 37 16.97 8.86 -6.39
CA GLY A 37 17.42 7.47 -6.40
C GLY A 37 18.70 7.26 -5.62
N TRP A 38 19.42 6.17 -5.93
CA TRP A 38 20.64 5.83 -5.22
C TRP A 38 21.67 6.92 -5.30
N GLY A 39 21.81 7.52 -6.47
CA GLY A 39 22.73 8.64 -6.63
C GLY A 39 22.29 9.91 -5.93
N GLY A 40 21.12 10.42 -6.30
CA GLY A 40 20.64 11.68 -5.76
C GLY A 40 20.46 11.68 -4.25
N PHE A 41 19.84 10.63 -3.72
CA PHE A 41 19.52 10.56 -2.30
C PHE A 41 20.80 10.46 -1.48
N ASN A 42 21.78 9.71 -1.96
CA ASN A 42 23.00 9.52 -1.20
C ASN A 42 23.88 10.76 -1.27
N PHE A 43 23.78 11.49 -2.37
CA PHE A 43 24.45 12.77 -2.45
C PHE A 43 23.81 13.69 -1.40
N LEU A 44 22.47 13.71 -1.35
CA LEU A 44 21.75 14.49 -0.34
C LEU A 44 22.21 14.17 1.08
N LEU A 45 22.35 12.88 1.38
CA LEU A 45 22.76 12.46 2.70
C LEU A 45 24.14 12.96 3.11
N ASN A 46 25.01 13.23 2.15
CA ASN A 46 26.39 13.53 2.53
C ASN A 46 26.79 14.98 2.29
N ILE A 47 26.08 15.66 1.39
CA ILE A 47 26.38 17.03 1.08
C ILE A 47 26.18 17.91 2.32
N ASP A 48 27.10 18.86 2.52
CA ASP A 48 27.02 19.75 3.66
C ASP A 48 25.98 20.85 3.43
N PHE A 49 24.91 20.84 4.23
CA PHE A 49 23.86 21.85 4.08
C PHE A 49 24.32 23.21 4.62
N LYS A 50 25.38 23.24 5.41
CA LYS A 50 25.92 24.50 5.89
C LYS A 50 26.67 25.18 4.75
N LYS A 51 27.52 24.42 4.06
CA LYS A 51 28.36 24.99 3.00
C LYS A 51 27.57 25.37 1.74
N TYR A 52 26.44 24.71 1.49
CA TYR A 52 25.67 24.93 0.26
C TYR A 52 24.19 25.04 0.52
N ASP A 53 23.49 25.64 -0.45
CA ASP A 53 22.04 25.66 -0.42
C ASP A 53 21.55 24.60 -1.41
N VAL A 54 21.07 23.48 -0.87
CA VAL A 54 20.80 22.28 -1.66
C VAL A 54 19.30 21.99 -1.90
N THR A 55 18.92 21.80 -3.15
CA THR A 55 17.56 21.36 -3.45
C THR A 55 17.51 20.10 -4.32
N LEU A 56 16.86 19.06 -3.80
CA LEU A 56 16.60 17.85 -4.56
C LEU A 56 15.27 18.00 -5.27
N ILE A 57 15.26 17.69 -6.56
CA ILE A 57 14.05 17.77 -7.36
C ILE A 57 13.77 16.42 -8.00
N SER A 58 12.56 15.92 -7.79
CA SER A 58 12.19 14.58 -8.22
C SER A 58 10.67 14.37 -8.17
N PRO A 59 10.13 13.66 -9.18
CA PRO A 59 8.67 13.44 -9.21
C PRO A 59 8.25 12.42 -8.15
N ARG A 60 9.25 11.84 -7.50
CA ARG A 60 9.06 10.77 -6.54
C ARG A 60 9.57 11.28 -5.19
N ASN A 61 8.71 11.30 -4.18
CA ASN A 61 9.05 11.96 -2.91
C ASN A 61 9.70 11.02 -1.92
N TYR A 62 10.14 9.87 -2.41
CA TYR A 62 10.85 8.93 -1.56
C TYR A 62 12.04 8.34 -2.30
N PHE A 63 12.97 7.82 -1.53
CA PHE A 63 14.04 6.98 -2.07
C PHE A 63 13.56 5.53 -2.08
N THR A 64 13.82 4.84 -3.19
CA THR A 64 13.42 3.47 -3.32
C THR A 64 14.66 2.56 -3.22
N PHE A 65 14.68 1.72 -2.18
CA PHE A 65 15.77 0.80 -1.95
C PHE A 65 15.63 -0.41 -2.89
N THR A 66 16.05 -0.25 -4.14
CA THR A 66 15.76 -1.20 -5.22
C THR A 66 16.20 -2.66 -5.03
N PRO A 67 17.24 -2.95 -4.23
CA PRO A 67 17.55 -4.37 -4.10
C PRO A 67 16.44 -5.25 -3.50
N LEU A 68 15.56 -4.66 -2.70
CA LEU A 68 14.56 -5.45 -2.02
C LEU A 68 13.24 -5.40 -2.76
N LEU A 69 13.26 -4.78 -3.93
CA LEU A 69 12.06 -4.65 -4.73
C LEU A 69 11.42 -6.00 -5.14
N PRO A 70 12.24 -7.04 -5.41
CA PRO A 70 11.58 -8.32 -5.75
C PRO A 70 10.78 -8.92 -4.60
N CYS A 71 11.25 -8.76 -3.37
CA CYS A 71 10.53 -9.19 -2.17
C CYS A 71 9.19 -8.50 -2.02
N LEU A 72 9.06 -7.35 -2.64
CA LEU A 72 7.84 -6.59 -2.58
C LEU A 72 6.82 -7.23 -3.51
N CYS A 73 7.31 -7.81 -4.61
CA CYS A 73 6.45 -8.49 -5.59
C CYS A 73 5.72 -9.69 -4.99
N SER A 74 6.36 -10.34 -4.02
CA SER A 74 5.81 -11.55 -3.46
C SER A 74 5.17 -11.34 -2.08
N GLY A 75 5.35 -10.16 -1.48
CA GLY A 75 4.81 -9.88 -0.16
C GLY A 75 5.69 -10.32 0.99
N THR A 76 6.94 -10.65 0.71
CA THR A 76 7.88 -11.06 1.74
C THR A 76 8.29 -9.89 2.62
N LEU A 77 8.51 -8.74 2.01
CA LEU A 77 8.85 -7.52 2.73
C LEU A 77 7.84 -6.43 2.42
N SER A 78 7.76 -5.40 3.26
CA SER A 78 6.75 -4.36 3.10
C SER A 78 7.30 -3.13 2.40
N VAL A 79 6.43 -2.16 2.15
CA VAL A 79 6.86 -0.94 1.49
C VAL A 79 7.80 -0.15 2.39
N ASN A 80 7.57 -0.24 3.70
CA ASN A 80 8.37 0.53 4.65
C ASN A 80 9.86 0.19 4.61
N VAL A 81 10.19 -1.06 4.32
CA VAL A 81 11.58 -1.45 4.31
C VAL A 81 12.23 -1.08 2.97
N CYS A 82 11.44 -0.86 1.94
CA CYS A 82 11.97 -0.50 0.62
C CYS A 82 12.00 0.99 0.38
N THR A 83 11.77 1.77 1.44
CA THR A 83 11.50 3.18 1.26
C THR A 83 12.24 4.03 2.27
N GLU A 84 12.62 5.22 1.82
CA GLU A 84 12.97 6.33 2.72
C GLU A 84 12.29 7.62 2.25
N SER A 85 11.57 8.30 3.13
CA SER A 85 10.94 9.57 2.77
C SER A 85 11.97 10.69 2.76
N ILE A 86 12.09 11.39 1.63
CA ILE A 86 13.10 12.45 1.48
C ILE A 86 13.08 13.52 2.58
N ARG A 87 11.90 14.04 2.90
CA ARG A 87 11.79 15.11 3.88
C ARG A 87 12.27 14.73 5.29
N ASN A 88 12.36 13.44 5.58
CA ASN A 88 12.98 12.99 6.84
C ASN A 88 14.50 13.20 6.90
N PHE A 89 15.11 13.54 5.78
CA PHE A 89 16.55 13.65 5.72
C PHE A 89 17.00 15.06 5.37
N LEU A 90 16.09 16.01 5.49
CA LEU A 90 16.37 17.38 5.09
C LEU A 90 16.91 18.25 6.22
N ARG A 91 17.02 17.69 7.43
CA ARG A 91 17.61 18.45 8.54
C ARG A 91 18.78 17.65 9.12
N LYS A 92 20.00 18.11 8.88
CA LYS A 92 21.17 17.46 9.46
C LYS A 92 21.37 17.94 10.89
N LYS A 93 22.25 17.27 11.63
CA LYS A 93 22.45 17.54 13.05
C LYS A 93 23.09 18.90 13.30
N ASN A 94 23.80 19.40 12.30
CA ASN A 94 24.38 20.74 12.31
C ASN A 94 23.36 21.83 12.61
N GLY A 95 22.11 21.62 12.17
CA GLY A 95 21.04 22.61 12.32
C GLY A 95 20.57 23.25 11.02
N TYR A 96 21.34 23.04 9.95
CA TYR A 96 21.01 23.61 8.64
C TYR A 96 20.21 22.62 7.78
N CYS A 97 19.43 23.15 6.84
CA CYS A 97 18.44 22.36 6.13
C CYS A 97 18.69 22.29 4.62
N GLY A 98 18.04 21.32 3.98
CA GLY A 98 17.98 21.25 2.53
C GLY A 98 16.53 21.36 2.10
N ASN A 99 16.28 21.47 0.80
CA ASN A 99 14.91 21.54 0.30
C ASN A 99 14.60 20.41 -0.68
N TYR A 100 13.31 20.21 -0.91
CA TYR A 100 12.84 19.20 -1.84
C TYR A 100 11.63 19.73 -2.60
N LEU A 101 11.60 19.52 -3.91
CA LEU A 101 10.44 19.92 -4.70
C LEU A 101 9.97 18.75 -5.54
N GLN A 102 8.67 18.51 -5.53
CA GLN A 102 8.11 17.39 -6.28
C GLN A 102 7.87 17.83 -7.71
N LEU A 103 8.92 17.76 -8.50
CA LEU A 103 8.84 18.14 -9.91
C LEU A 103 9.52 17.12 -10.79
N GLU A 104 9.25 17.19 -12.09
CA GLU A 104 9.98 16.44 -13.09
C GLU A 104 10.71 17.42 -14.00
N CYS A 105 12.04 17.38 -14.00
CA CYS A 105 12.79 18.26 -14.88
C CYS A 105 12.62 17.89 -16.35
N THR A 106 12.34 18.87 -17.21
CA THR A 106 12.03 18.57 -18.61
C THR A 106 13.07 19.13 -19.58
N ASP A 107 13.82 20.12 -19.15
CA ASP A 107 14.87 20.73 -19.96
C ASP A 107 15.96 21.31 -19.09
N VAL A 108 17.20 21.18 -19.55
CA VAL A 108 18.31 21.87 -18.93
C VAL A 108 18.86 22.92 -19.89
N PHE A 109 19.08 24.12 -19.39
CA PHE A 109 19.63 25.20 -20.21
C PHE A 109 20.98 25.59 -19.68
N TYR A 110 22.02 24.91 -20.14
CA TYR A 110 23.33 25.04 -19.49
C TYR A 110 23.88 26.46 -19.68
N GLU A 111 23.52 27.08 -20.81
CA GLU A 111 24.01 28.42 -21.12
C GLU A 111 23.55 29.45 -20.08
N ASP A 112 22.27 29.39 -19.70
CA ASP A 112 21.71 30.38 -18.78
C ASP A 112 21.61 29.91 -17.32
N LYS A 113 22.17 28.71 -17.05
CA LYS A 113 22.20 28.09 -15.71
C LYS A 113 20.81 27.94 -15.08
N TYR A 114 19.85 27.36 -15.80
CA TYR A 114 18.55 27.11 -15.22
C TYR A 114 17.92 25.87 -15.83
N ILE A 115 16.86 25.37 -15.20
CA ILE A 115 16.14 24.21 -15.70
C ILE A 115 14.63 24.47 -15.70
N ASN A 116 13.93 23.90 -16.67
CA ASN A 116 12.48 23.91 -16.65
C ASN A 116 11.94 22.60 -16.06
N CYS A 117 10.99 22.72 -15.15
CA CYS A 117 10.32 21.55 -14.61
C CYS A 117 8.83 21.63 -14.89
N ILE A 118 8.09 20.55 -14.60
CA ILE A 118 6.64 20.59 -14.53
C ILE A 118 6.16 19.87 -13.27
N ASP A 119 5.13 20.43 -12.62
CA ASP A 119 4.54 19.74 -11.49
C ASP A 119 3.63 18.65 -12.02
N ILE A 120 2.84 18.04 -11.17
CA ILE A 120 2.06 16.91 -11.65
C ILE A 120 0.85 17.38 -12.48
N GLU A 121 0.55 18.66 -12.44
CA GLU A 121 -0.57 19.20 -13.19
C GLU A 121 -0.08 19.98 -14.40
N ASN A 122 1.12 19.64 -14.84
CA ASN A 122 1.74 20.18 -16.05
C ASN A 122 1.95 21.70 -16.05
N ASN A 123 2.03 22.29 -14.86
CA ASN A 123 2.45 23.68 -14.74
C ASN A 123 3.97 23.81 -14.81
N LYS A 124 4.47 24.65 -15.71
CA LYS A 124 5.91 24.90 -15.81
C LYS A 124 6.43 25.64 -14.58
N VAL A 125 7.64 25.27 -14.15
CA VAL A 125 8.40 25.92 -13.08
C VAL A 125 9.82 26.11 -13.58
N LYS A 126 10.38 27.30 -13.36
CA LYS A 126 11.73 27.60 -13.84
C LYS A 126 12.61 27.87 -12.63
N LEU A 127 13.78 27.24 -12.58
CA LEU A 127 14.64 27.27 -11.40
C LEU A 127 16.07 27.52 -11.80
N PHE A 128 16.77 28.34 -11.03
CA PHE A 128 18.16 28.61 -11.32
C PHE A 128 19.05 27.82 -10.37
N TYR A 129 20.25 27.47 -10.85
CA TYR A 129 21.26 26.78 -10.07
C TYR A 129 22.62 27.43 -10.31
N ASP A 130 23.57 27.11 -9.43
CA ASP A 130 24.99 27.36 -9.66
C ASP A 130 25.66 26.04 -10.00
N TYR A 131 25.10 24.95 -9.46
CA TYR A 131 25.58 23.60 -9.75
C TYR A 131 24.41 22.68 -9.97
N LEU A 132 24.46 21.87 -11.02
CA LEU A 132 23.43 20.90 -11.31
C LEU A 132 23.98 19.47 -11.21
N ILE A 133 23.38 18.67 -10.33
CA ILE A 133 23.76 17.26 -10.20
C ILE A 133 22.68 16.38 -10.80
N ILE A 134 22.92 15.92 -12.04
CA ILE A 134 21.95 15.09 -12.75
C ILE A 134 22.08 13.64 -12.32
N ALA A 135 20.99 13.09 -11.76
CA ALA A 135 20.96 11.72 -11.28
C ALA A 135 19.62 11.09 -11.57
N VAL A 136 19.16 11.22 -12.81
CA VAL A 136 17.79 10.84 -13.15
C VAL A 136 17.65 9.37 -13.47
N GLY A 137 18.77 8.65 -13.47
CA GLY A 137 18.75 7.22 -13.75
C GLY A 137 18.35 6.83 -15.17
N ALA A 138 17.98 5.58 -15.34
CA ALA A 138 17.58 5.04 -16.64
C ALA A 138 16.19 4.47 -16.54
N LYS A 139 15.59 4.12 -17.66
CA LYS A 139 14.28 3.45 -17.64
C LYS A 139 14.37 2.08 -18.30
N THR A 140 13.26 1.34 -18.30
CA THR A 140 13.27 0.00 -18.88
C THR A 140 13.17 0.04 -20.39
N ASN A 141 14.02 -0.77 -21.03
CA ASN A 141 14.13 -0.83 -22.48
C ASN A 141 13.11 -1.79 -23.11
N THR A 142 12.23 -1.25 -23.94
CA THR A 142 11.26 -2.10 -24.62
C THR A 142 11.79 -2.68 -25.93
N PHE A 143 12.95 -2.17 -26.38
CA PHE A 143 13.50 -2.50 -27.71
C PHE A 143 12.51 -2.23 -28.85
N ASN A 144 11.56 -1.32 -28.60
CA ASN A 144 10.55 -0.92 -29.58
C ASN A 144 9.61 -2.06 -29.95
N ILE A 145 9.74 -3.19 -29.27
CA ILE A 145 8.87 -4.35 -29.50
C ILE A 145 7.41 -4.00 -29.27
N ASN A 146 6.58 -4.41 -30.23
CA ASN A 146 5.14 -4.11 -30.23
C ASN A 146 4.43 -4.77 -29.07
N GLY A 147 3.91 -3.97 -28.14
CA GLY A 147 3.11 -4.53 -27.07
C GLY A 147 3.81 -4.76 -25.75
N VAL A 148 5.09 -4.42 -25.65
CA VAL A 148 5.75 -4.41 -24.35
C VAL A 148 5.17 -3.31 -23.44
N ASP A 149 5.08 -2.08 -23.93
CA ASP A 149 4.47 -0.99 -23.17
C ASP A 149 3.02 -1.26 -22.91
N LYS A 150 2.34 -1.79 -23.91
CA LYS A 150 0.92 -2.03 -23.81
C LYS A 150 0.59 -3.12 -22.78
N TYR A 151 1.27 -4.26 -22.87
CA TYR A 151 0.82 -5.45 -22.15
C TYR A 151 1.69 -5.92 -21.00
N ALA A 152 2.95 -5.51 -20.96
CA ALA A 152 3.89 -6.05 -19.99
C ALA A 152 3.99 -5.16 -18.77
N TYR A 153 4.39 -5.77 -17.66
CA TYR A 153 4.64 -5.08 -16.41
C TYR A 153 6.14 -4.86 -16.21
N PHE A 154 6.54 -3.63 -15.92
CA PHE A 154 7.93 -3.36 -15.63
C PHE A 154 8.16 -3.58 -14.16
N VAL A 155 9.42 -3.69 -13.77
CA VAL A 155 9.71 -3.89 -12.37
C VAL A 155 10.85 -2.97 -11.94
N LYS A 156 10.59 -1.68 -11.92
CA LYS A 156 11.68 -0.81 -11.56
C LYS A 156 11.39 0.16 -10.41
N ASP A 157 10.20 0.09 -9.83
CA ASP A 157 9.90 0.91 -8.66
C ASP A 157 8.83 0.28 -7.76
N ILE A 158 8.48 0.97 -6.69
CA ILE A 158 7.51 0.48 -5.71
C ILE A 158 6.16 0.17 -6.34
N ASP A 159 5.65 1.11 -7.14
CA ASP A 159 4.34 0.89 -7.70
C ASP A 159 4.35 -0.23 -8.73
N ASP A 160 5.45 -0.37 -9.47
CA ASP A 160 5.60 -1.50 -10.38
C ASP A 160 5.43 -2.82 -9.64
N ALA A 161 6.14 -2.95 -8.53
CA ALA A 161 6.13 -4.21 -7.78
C ALA A 161 4.73 -4.51 -7.23
N LEU A 162 4.08 -3.49 -6.69
CA LEU A 162 2.72 -3.64 -6.18
C LEU A 162 1.72 -3.97 -7.29
N LYS A 163 1.86 -3.32 -8.45
CA LYS A 163 0.97 -3.61 -9.57
C LYS A 163 1.11 -5.08 -9.92
N ILE A 164 2.34 -5.59 -9.93
CA ILE A 164 2.60 -6.98 -10.30
C ILE A 164 1.97 -7.94 -9.29
N ARG A 165 2.14 -7.66 -7.99
CA ARG A 165 1.54 -8.47 -6.93
C ARG A 165 0.03 -8.55 -7.11
N LYS A 166 -0.60 -7.41 -7.33
CA LYS A 166 -2.05 -7.40 -7.43
C LYS A 166 -2.55 -8.20 -8.66
N LYS A 167 -1.92 -7.99 -9.80
CA LYS A 167 -2.32 -8.68 -11.01
C LYS A 167 -2.25 -10.18 -10.78
N PHE A 168 -1.16 -10.62 -10.15
CA PHE A 168 -1.02 -12.03 -9.86
C PHE A 168 -2.19 -12.49 -8.97
N LEU A 169 -2.46 -11.76 -7.90
CA LEU A 169 -3.52 -12.18 -6.99
C LEU A 169 -4.86 -12.10 -7.68
N ASP A 170 -5.04 -11.06 -8.50
CA ASP A 170 -6.23 -10.97 -9.33
C ASP A 170 -6.44 -12.21 -10.16
N ILE A 171 -5.36 -12.74 -10.75
CA ILE A 171 -5.51 -13.86 -11.67
C ILE A 171 -5.92 -15.08 -10.88
N LEU A 172 -5.32 -15.26 -9.72
CA LEU A 172 -5.64 -16.41 -8.87
C LEU A 172 -7.13 -16.45 -8.54
N GLU A 173 -7.70 -15.29 -8.23
CA GLU A 173 -9.10 -15.23 -7.90
C GLU A 173 -9.96 -15.43 -9.13
N LYS A 174 -9.53 -14.90 -10.26
CA LYS A 174 -10.31 -15.04 -11.48
C LYS A 174 -10.39 -16.52 -11.88
N CYS A 175 -9.37 -17.29 -11.50
CA CYS A 175 -9.29 -18.68 -11.90
C CYS A 175 -9.91 -19.61 -10.87
N THR A 176 -10.50 -19.03 -9.84
CA THR A 176 -11.20 -19.83 -8.84
C THR A 176 -12.69 -19.83 -9.15
N LEU A 177 -13.12 -18.84 -9.94
CA LEU A 177 -14.47 -18.81 -10.50
C LEU A 177 -14.82 -20.06 -11.33
N PRO A 178 -16.10 -20.47 -11.32
CA PRO A 178 -16.60 -21.62 -12.09
C PRO A 178 -16.83 -21.35 -13.59
N ASN A 179 -17.03 -20.10 -13.97
CA ASN A 179 -17.22 -19.73 -15.39
C ASN A 179 -15.94 -19.83 -16.24
N ILE A 180 -15.03 -20.73 -15.87
CA ILE A 180 -13.68 -20.80 -16.44
C ILE A 180 -13.23 -22.25 -16.64
N SER A 181 -12.75 -22.56 -17.84
CA SER A 181 -12.28 -23.91 -18.16
C SER A 181 -10.85 -24.14 -17.69
N ASN A 182 -10.48 -25.41 -17.55
CA ASN A 182 -9.12 -25.76 -17.17
C ASN A 182 -8.05 -25.29 -18.15
N GLU A 183 -8.38 -25.17 -19.44
CA GLU A 183 -7.35 -24.72 -20.38
C GLU A 183 -7.25 -23.19 -20.36
N GLU A 184 -8.35 -22.50 -20.11
CA GLU A 184 -8.27 -21.07 -19.85
C GLU A 184 -7.37 -20.84 -18.63
N LYS A 185 -7.56 -21.67 -17.60
CA LYS A 185 -6.80 -21.52 -16.39
C LYS A 185 -5.30 -21.70 -16.66
N LYS A 186 -4.95 -22.74 -17.40
CA LYS A 186 -3.54 -23.01 -17.72
C LYS A 186 -2.87 -21.84 -18.48
N LYS A 187 -3.60 -21.23 -19.42
CA LYS A 187 -3.10 -20.08 -20.16
C LYS A 187 -2.91 -18.86 -19.26
N MET A 188 -3.89 -18.61 -18.39
CA MET A 188 -3.88 -17.42 -17.54
C MET A 188 -2.92 -17.53 -16.36
N LEU A 189 -2.62 -18.74 -15.91
CA LEU A 189 -1.82 -18.89 -14.71
C LEU A 189 -0.36 -19.09 -15.08
N HIS A 190 -0.01 -18.66 -16.28
CA HIS A 190 1.37 -18.73 -16.71
C HIS A 190 2.06 -17.41 -16.50
N VAL A 191 3.16 -17.44 -15.78
CA VAL A 191 3.89 -16.23 -15.47
C VAL A 191 5.17 -16.24 -16.23
N ALA A 192 5.34 -15.27 -17.11
CA ALA A 192 6.53 -15.20 -17.93
C ALA A 192 7.37 -14.02 -17.47
N VAL A 193 8.65 -14.27 -17.19
CA VAL A 193 9.58 -13.22 -16.81
C VAL A 193 10.62 -13.12 -17.90
N VAL A 194 10.73 -11.95 -18.52
CA VAL A 194 11.71 -11.72 -19.55
C VAL A 194 12.95 -11.05 -18.99
N GLY A 195 14.08 -11.72 -19.07
CA GLY A 195 15.30 -11.21 -18.51
C GLY A 195 15.89 -12.20 -17.53
N GLY A 196 17.10 -12.66 -17.81
CA GLY A 196 17.79 -13.57 -16.91
C GLY A 196 18.92 -12.87 -16.18
N GLY A 197 18.87 -11.53 -16.13
CA GLY A 197 19.74 -10.80 -15.24
C GLY A 197 19.28 -10.96 -13.79
N PRO A 198 19.99 -10.31 -12.87
CA PRO A 198 19.63 -10.45 -11.46
C PRO A 198 18.17 -10.04 -11.17
N THR A 199 17.66 -8.98 -11.78
CA THR A 199 16.27 -8.57 -11.56
C THR A 199 15.27 -9.69 -11.93
N GLY A 200 15.28 -10.08 -13.21
CA GLY A 200 14.46 -11.19 -13.67
C GLY A 200 14.60 -12.42 -12.81
N VAL A 201 15.84 -12.80 -12.49
CA VAL A 201 16.06 -14.00 -11.72
C VAL A 201 15.47 -13.89 -10.30
N GLU A 202 15.68 -12.75 -9.64
CA GLU A 202 15.17 -12.57 -8.29
C GLU A 202 13.64 -12.52 -8.26
N VAL A 203 13.03 -11.82 -9.23
CA VAL A 203 11.56 -11.76 -9.30
C VAL A 203 10.93 -13.15 -9.53
N THR A 204 11.56 -13.95 -10.39
CA THR A 204 11.14 -15.32 -10.63
C THR A 204 11.24 -16.15 -9.34
N ALA A 205 12.38 -16.02 -8.66
CA ALA A 205 12.64 -16.75 -7.45
C ALA A 205 11.58 -16.45 -6.41
N GLU A 206 11.30 -15.17 -6.25
CA GLU A 206 10.34 -14.76 -5.25
C GLU A 206 8.94 -15.27 -5.59
N PHE A 207 8.52 -15.19 -6.85
CA PHE A 207 7.22 -15.74 -7.22
C PHE A 207 7.17 -17.26 -7.00
N ALA A 208 8.28 -17.93 -7.25
CA ALA A 208 8.33 -19.35 -7.04
C ALA A 208 8.07 -19.68 -5.55
N ASP A 209 8.70 -18.94 -4.65
CA ASP A 209 8.51 -19.19 -3.23
C ASP A 209 7.06 -18.99 -2.83
N PHE A 210 6.51 -17.88 -3.27
CA PHE A 210 5.10 -17.57 -3.04
C PHE A 210 4.20 -18.70 -3.56
N ILE A 211 4.39 -19.06 -4.82
CA ILE A 211 3.58 -20.09 -5.44
C ILE A 211 3.72 -21.43 -4.72
N ASN A 212 4.94 -21.79 -4.31
CA ASN A 212 5.13 -23.10 -3.70
C ASN A 212 4.77 -23.13 -2.23
N LYS A 213 4.50 -21.97 -1.65
CA LYS A 213 4.08 -21.94 -0.25
C LYS A 213 2.64 -21.48 -0.07
N GLU A 214 2.45 -20.19 0.13
CA GLU A 214 1.14 -19.67 0.43
C GLU A 214 0.11 -19.99 -0.65
N VAL A 215 0.50 -19.83 -1.91
CA VAL A 215 -0.45 -20.07 -2.99
C VAL A 215 -0.84 -21.55 -3.01
N LYS A 216 0.14 -22.42 -2.80
CA LYS A 216 -0.11 -23.87 -2.82
C LYS A 216 -1.14 -24.30 -1.76
N ILE A 217 -1.01 -23.74 -0.56
CA ILE A 217 -1.92 -24.00 0.55
C ILE A 217 -3.35 -23.51 0.28
N ASN A 218 -3.48 -22.26 -0.15
CA ASN A 218 -4.78 -21.61 -0.20
C ASN A 218 -5.47 -21.71 -1.56
N TYR A 219 -4.77 -22.20 -2.56
CA TYR A 219 -5.38 -22.36 -3.86
C TYR A 219 -5.08 -23.75 -4.45
N LYS A 220 -5.27 -24.80 -3.64
CA LYS A 220 -4.93 -26.19 -4.03
C LYS A 220 -5.56 -26.64 -5.34
N ASP A 221 -6.82 -26.31 -5.55
CA ASP A 221 -7.52 -26.86 -6.69
C ASP A 221 -6.96 -26.33 -8.01
N ILE A 222 -6.31 -25.16 -8.01
CA ILE A 222 -5.76 -24.64 -9.25
C ILE A 222 -4.23 -24.58 -9.26
N PHE A 223 -3.59 -24.98 -8.17
CA PHE A 223 -2.14 -24.86 -8.03
C PHE A 223 -1.37 -25.53 -9.16
N ASN A 224 -1.95 -26.60 -9.70
CA ASN A 224 -1.24 -27.37 -10.70
C ASN A 224 -1.37 -26.81 -12.10
N PHE A 225 -2.14 -25.75 -12.27
CA PHE A 225 -2.25 -25.11 -13.58
C PHE A 225 -1.23 -23.99 -13.65
N ILE A 226 -0.70 -23.59 -12.50
CA ILE A 226 0.29 -22.53 -12.40
C ILE A 226 1.64 -22.97 -12.95
N SER A 227 2.25 -22.14 -13.78
CA SER A 227 3.63 -22.35 -14.20
C SER A 227 4.39 -21.01 -14.33
N ILE A 228 5.69 -21.04 -14.01
CA ILE A 228 6.53 -19.87 -14.21
C ILE A 228 7.56 -20.15 -15.29
N SER A 229 7.74 -19.23 -16.22
CA SER A 229 8.86 -19.32 -17.13
C SER A 229 9.74 -18.11 -16.99
N ILE A 230 11.04 -18.30 -17.13
CA ILE A 230 11.97 -17.19 -17.27
C ILE A 230 12.61 -17.29 -18.65
N ILE A 231 12.72 -16.18 -19.36
CA ILE A 231 13.25 -16.21 -20.71
C ILE A 231 14.46 -15.32 -20.81
N GLU A 232 15.53 -15.87 -21.38
CA GLU A 232 16.80 -15.16 -21.48
C GLU A 232 17.48 -15.44 -22.84
N GLY A 233 17.94 -14.40 -23.52
CA GLY A 233 18.59 -14.55 -24.81
C GLY A 233 19.88 -15.38 -24.80
N GLY A 234 20.71 -15.19 -23.79
CA GLY A 234 21.96 -15.94 -23.71
C GLY A 234 21.81 -17.29 -23.06
N ASN A 235 22.93 -17.99 -22.88
CA ASN A 235 22.84 -19.35 -22.36
C ASN A 235 22.62 -19.38 -20.86
N ASN A 236 23.12 -18.38 -20.15
CA ASN A 236 23.10 -18.41 -18.70
C ASN A 236 22.19 -17.40 -18.03
N LEU A 237 21.58 -17.83 -16.95
CA LEU A 237 20.97 -16.92 -16.00
C LEU A 237 22.12 -16.31 -15.22
N LEU A 238 21.96 -15.04 -14.85
CA LEU A 238 23.00 -14.29 -14.17
C LEU A 238 24.30 -14.39 -14.96
N PRO A 239 24.28 -13.95 -16.23
CA PRO A 239 25.49 -14.08 -17.05
C PRO A 239 26.64 -13.28 -16.49
N THR A 240 26.35 -12.16 -15.84
CA THR A 240 27.44 -11.29 -15.45
C THR A 240 28.03 -11.73 -14.10
N PHE A 241 27.58 -12.88 -13.59
CA PHE A 241 28.09 -13.38 -12.32
C PHE A 241 29.31 -14.30 -12.50
N THR A 242 29.06 -15.61 -12.53
CA THR A 242 30.11 -16.63 -12.69
C THR A 242 29.47 -17.97 -13.07
N GLN A 243 30.19 -18.75 -13.86
CA GLN A 243 29.58 -19.90 -14.54
C GLN A 243 29.03 -20.93 -13.56
N ASN A 244 29.70 -21.09 -12.43
CA ASN A 244 29.19 -22.03 -11.44
C ASN A 244 27.92 -21.48 -10.82
N ILE A 245 27.90 -20.18 -10.53
CA ILE A 245 26.70 -19.56 -9.99
C ILE A 245 25.57 -19.66 -11.02
N SER A 246 25.91 -19.50 -12.31
CA SER A 246 24.90 -19.62 -13.37
C SER A 246 24.32 -21.01 -13.47
N ASP A 247 25.19 -22.02 -13.41
CA ASP A 247 24.73 -23.41 -13.54
C ASP A 247 23.90 -23.79 -12.33
N PHE A 248 24.35 -23.38 -11.15
CA PHE A 248 23.61 -23.62 -9.91
C PHE A 248 22.25 -22.95 -9.91
N THR A 249 22.19 -21.74 -10.43
CA THR A 249 20.92 -21.03 -10.51
C THR A 249 19.96 -21.77 -11.44
N LYS A 250 20.46 -22.29 -12.55
CA LYS A 250 19.61 -23.02 -13.49
C LYS A 250 19.14 -24.36 -12.91
N GLU A 251 20.05 -25.07 -12.24
CA GLU A 251 19.70 -26.32 -11.55
C GLU A 251 18.60 -26.08 -10.52
N ASN A 252 18.80 -25.05 -9.70
CA ASN A 252 17.85 -24.74 -8.65
C ASN A 252 16.49 -24.35 -9.23
N PHE A 253 16.51 -23.69 -10.38
CA PHE A 253 15.27 -23.31 -11.03
C PHE A 253 14.52 -24.54 -11.54
N HIS A 254 15.26 -25.53 -12.04
CA HIS A 254 14.65 -26.78 -12.48
C HIS A 254 13.95 -27.49 -11.31
N ASN A 255 14.60 -27.55 -10.15
CA ASN A 255 14.05 -28.24 -8.99
C ASN A 255 12.79 -27.57 -8.50
N LEU A 256 12.58 -26.33 -8.91
CA LEU A 256 11.40 -25.58 -8.50
C LEU A 256 10.33 -25.62 -9.58
N ASN A 257 10.63 -26.35 -10.66
CA ASN A 257 9.73 -26.51 -11.80
C ASN A 257 9.48 -25.18 -12.50
N ILE A 258 10.51 -24.35 -12.49
CA ILE A 258 10.54 -23.17 -13.34
C ILE A 258 11.07 -23.53 -14.73
N ASN A 259 10.32 -23.21 -15.77
CA ASN A 259 10.79 -23.44 -17.12
C ASN A 259 11.86 -22.43 -17.46
N VAL A 260 13.09 -22.90 -17.60
CA VAL A 260 14.18 -22.00 -17.92
C VAL A 260 14.40 -21.99 -19.44
N LEU A 261 13.92 -20.93 -20.07
CA LEU A 261 14.00 -20.75 -21.50
C LEU A 261 15.14 -19.81 -21.83
N THR A 262 16.35 -20.24 -21.48
CA THR A 262 17.57 -19.57 -21.95
C THR A 262 17.73 -19.82 -23.44
N ASN A 263 18.60 -19.04 -24.07
CA ASN A 263 18.77 -19.06 -25.51
C ASN A 263 17.48 -18.76 -26.28
N TYR A 264 16.64 -17.92 -25.69
CA TYR A 264 15.42 -17.47 -26.36
C TYR A 264 15.24 -15.97 -26.19
N TYR A 265 14.91 -15.31 -27.29
CA TYR A 265 14.66 -13.89 -27.28
C TYR A 265 13.16 -13.68 -27.48
N VAL A 266 12.53 -12.87 -26.65
CA VAL A 266 11.16 -12.44 -26.93
C VAL A 266 11.21 -11.41 -28.07
N ILE A 267 10.36 -11.53 -29.09
CA ILE A 267 10.41 -10.63 -30.24
C ILE A 267 9.11 -9.88 -30.54
N ASP A 268 8.00 -10.34 -29.98
CA ASP A 268 6.72 -9.68 -30.17
C ASP A 268 5.82 -9.94 -28.96
N VAL A 269 4.92 -9.02 -28.65
CA VAL A 269 4.03 -9.22 -27.51
C VAL A 269 2.60 -8.85 -27.87
N ASP A 270 1.68 -9.79 -27.73
CA ASP A 270 0.27 -9.53 -27.97
C ASP A 270 -0.52 -9.62 -26.65
N LYS A 271 -1.84 -9.57 -26.69
CA LYS A 271 -2.62 -9.45 -25.46
C LYS A 271 -2.65 -10.74 -24.67
N HIS A 272 -2.63 -11.88 -25.34
CA HIS A 272 -2.78 -13.14 -24.63
C HIS A 272 -1.63 -14.11 -24.95
N SER A 273 -0.71 -13.68 -25.80
CA SER A 273 0.44 -14.52 -26.16
C SER A 273 1.65 -13.68 -26.55
N PHE A 274 2.85 -14.22 -26.36
CA PHE A 274 4.05 -13.57 -26.88
C PHE A 274 4.82 -14.55 -27.75
N HIS A 275 5.81 -14.04 -28.49
CA HIS A 275 6.55 -14.87 -29.42
C HIS A 275 8.02 -14.87 -29.06
N ILE A 276 8.65 -16.03 -29.18
CA ILE A 276 10.07 -16.13 -28.92
C ILE A 276 10.84 -16.75 -30.08
N GLN A 277 12.09 -16.33 -30.22
CA GLN A 277 12.97 -16.82 -31.26
C GLN A 277 14.21 -17.47 -30.63
N SER A 278 14.51 -18.71 -31.04
CA SER A 278 15.70 -19.39 -30.55
C SER A 278 16.98 -18.65 -30.95
N SER A 279 17.94 -18.61 -30.02
CA SER A 279 19.24 -17.97 -30.26
C SER A 279 20.20 -18.92 -30.93
N LEU A 280 19.81 -20.18 -31.02
CA LEU A 280 20.64 -21.23 -31.56
C LEU A 280 20.23 -21.64 -32.97
N ASN A 281 18.94 -21.56 -33.25
CA ASN A 281 18.43 -21.72 -34.60
C ASN A 281 17.50 -20.54 -34.96
N LYS A 282 17.92 -19.71 -35.90
CA LYS A 282 17.15 -18.53 -36.29
C LYS A 282 15.73 -18.84 -36.77
N ASN A 283 15.51 -20.10 -37.10
CA ASN A 283 14.28 -20.53 -37.74
C ASN A 283 13.22 -20.95 -36.74
N GLU A 284 13.65 -21.33 -35.54
CA GLU A 284 12.75 -21.87 -34.54
C GLU A 284 12.07 -20.76 -33.77
N LYS A 285 10.77 -20.61 -33.97
CA LYS A 285 10.01 -19.67 -33.18
C LYS A 285 8.96 -20.45 -32.41
N LYS A 286 8.42 -19.82 -31.38
CA LYS A 286 7.35 -20.42 -30.58
C LYS A 286 6.40 -19.31 -30.21
N LYS A 287 5.14 -19.68 -30.04
CA LYS A 287 4.11 -18.78 -29.55
C LYS A 287 3.74 -19.33 -28.18
N LEU A 288 3.78 -18.49 -27.15
CA LEU A 288 3.41 -18.94 -25.81
C LEU A 288 2.27 -18.13 -25.25
N SER A 289 1.33 -18.80 -24.60
CA SER A 289 0.29 -18.13 -23.82
C SER A 289 0.84 -17.61 -22.49
N TYR A 290 0.15 -16.63 -21.92
CA TYR A 290 0.53 -16.07 -20.64
C TYR A 290 -0.60 -15.28 -20.02
N GLY A 291 -0.58 -15.16 -18.69
CA GLY A 291 -1.48 -14.26 -17.97
C GLY A 291 -0.74 -13.02 -17.47
N LEU A 292 0.47 -13.23 -16.96
CA LEU A 292 1.24 -12.16 -16.39
C LEU A 292 2.62 -12.13 -17.05
N LEU A 293 2.93 -11.01 -17.67
CA LEU A 293 4.23 -10.88 -18.33
C LEU A 293 5.05 -9.77 -17.66
N ILE A 294 6.18 -10.17 -17.11
CA ILE A 294 7.08 -9.24 -16.45
C ILE A 294 8.29 -8.95 -17.33
N TRP A 295 8.55 -7.67 -17.59
CA TRP A 295 9.67 -7.26 -18.47
C TRP A 295 10.87 -6.73 -17.69
N ALA A 296 11.91 -7.53 -17.59
CA ALA A 296 13.10 -7.15 -16.83
C ALA A 296 14.36 -7.22 -17.69
N SER A 297 14.30 -6.62 -18.87
CA SER A 297 15.49 -6.50 -19.72
C SER A 297 16.33 -5.34 -19.22
N GLY A 298 17.31 -4.94 -20.01
CA GLY A 298 18.24 -3.90 -19.57
C GLY A 298 17.69 -2.47 -19.55
N LEU A 299 18.59 -1.48 -19.63
CA LEU A 299 18.24 -0.07 -19.45
C LEU A 299 18.10 0.73 -20.74
N ALA A 300 17.46 1.89 -20.61
CA ALA A 300 17.30 2.85 -21.71
C ALA A 300 17.31 4.29 -21.14
N GLN A 301 17.49 5.31 -21.98
CA GLN A 301 17.64 6.66 -21.42
C GLN A 301 16.31 7.41 -21.28
N THR A 302 16.23 8.25 -20.26
CA THR A 302 15.07 9.09 -20.02
C THR A 302 14.93 10.08 -21.15
N THR A 303 13.73 10.61 -21.34
CA THR A 303 13.51 11.58 -22.41
C THR A 303 14.29 12.85 -22.06
N LEU A 304 14.41 13.16 -20.77
CA LEU A 304 15.18 14.32 -20.36
C LEU A 304 16.64 14.24 -20.84
N ILE A 305 17.23 13.05 -20.78
CA ILE A 305 18.61 12.88 -21.22
C ILE A 305 18.70 12.96 -22.77
N GLN A 306 17.82 12.24 -23.46
CA GLN A 306 17.74 12.35 -24.91
C GLN A 306 17.69 13.82 -25.36
N LYS A 307 16.81 14.60 -24.72
CA LYS A 307 16.64 16.03 -25.02
C LYS A 307 17.91 16.84 -24.76
N PHE A 308 18.49 16.60 -23.58
CA PHE A 308 19.64 17.36 -23.10
C PHE A 308 20.85 17.14 -23.99
N LEU A 309 21.02 15.91 -24.46
CA LEU A 309 22.10 15.57 -25.38
C LEU A 309 22.10 16.43 -26.65
N LYS A 310 20.92 16.60 -27.25
CA LYS A 310 20.77 17.38 -28.47
C LYS A 310 21.25 18.82 -28.28
N THR A 311 21.24 19.25 -27.03
CA THR A 311 21.53 20.61 -26.62
C THR A 311 23.04 20.86 -26.50
N ILE A 312 23.81 19.78 -26.51
CA ILE A 312 25.27 19.87 -26.38
C ILE A 312 25.94 19.51 -27.70
N PRO A 313 26.51 20.52 -28.39
CA PRO A 313 27.14 20.33 -29.72
C PRO A 313 28.01 19.07 -29.78
N VAL A 314 28.93 18.93 -28.83
CA VAL A 314 29.83 17.78 -28.80
C VAL A 314 29.14 16.43 -28.62
N GLN A 315 27.95 16.42 -28.03
CA GLN A 315 27.25 15.17 -27.73
C GLN A 315 25.95 14.97 -28.50
N ALA A 316 25.70 15.80 -29.51
CA ALA A 316 24.39 15.85 -30.15
C ALA A 316 23.91 14.49 -30.70
N ASN A 317 24.85 13.59 -30.96
CA ASN A 317 24.47 12.29 -31.51
C ASN A 317 24.91 11.12 -30.64
N ASN A 318 25.23 11.41 -29.39
CA ASN A 318 25.47 10.38 -28.39
C ASN A 318 24.18 9.67 -27.99
N ALA A 319 24.29 8.42 -27.56
CA ALA A 319 23.13 7.67 -27.09
C ALA A 319 23.03 7.74 -25.58
N ILE A 320 24.16 8.03 -24.93
CA ILE A 320 24.19 8.22 -23.49
C ILE A 320 25.05 9.44 -23.15
N LEU A 321 24.79 10.04 -21.99
CA LEU A 321 25.45 11.24 -21.49
C LEU A 321 26.84 10.94 -20.96
N LYS A 322 27.85 11.61 -21.50
CA LYS A 322 29.24 11.32 -21.14
C LYS A 322 29.80 12.36 -20.19
N VAL A 323 30.54 11.91 -19.18
CA VAL A 323 31.15 12.82 -18.21
C VAL A 323 32.67 12.66 -18.12
N ASP A 324 33.34 13.70 -17.63
CA ASP A 324 34.73 13.66 -17.12
C ASP A 324 35.10 12.46 -16.26
N GLU A 325 36.41 12.34 -16.02
CA GLU A 325 36.88 11.46 -14.95
C GLU A 325 36.53 12.04 -13.59
N LYS A 326 35.99 13.26 -13.59
CA LYS A 326 35.65 13.97 -12.36
C LYS A 326 34.14 14.15 -12.27
N LEU A 327 33.44 13.51 -13.20
CA LEU A 327 31.97 13.40 -13.26
C LEU A 327 31.34 14.72 -13.73
N ARG A 328 32.18 15.59 -14.31
CA ARG A 328 31.68 16.80 -14.96
C ARG A 328 31.15 16.46 -16.35
N VAL A 329 29.98 17.00 -16.70
CA VAL A 329 29.36 16.69 -17.99
C VAL A 329 30.14 17.35 -19.12
N ILE A 330 30.76 16.55 -19.99
CA ILE A 330 31.57 17.08 -21.08
C ILE A 330 30.82 18.02 -22.01
N GLY A 331 31.46 19.14 -22.37
CA GLY A 331 30.92 20.03 -23.38
C GLY A 331 30.16 21.20 -22.79
N ILE A 332 30.29 21.37 -21.47
CA ILE A 332 29.67 22.50 -20.81
C ILE A 332 30.79 23.47 -20.40
N PRO A 333 30.84 24.64 -21.06
CA PRO A 333 31.86 25.65 -20.80
C PRO A 333 32.05 25.95 -19.31
N SER A 334 30.95 25.98 -18.55
CA SER A 334 31.04 26.35 -17.13
C SER A 334 31.56 25.25 -16.20
N ASN A 335 31.51 23.99 -16.64
CA ASN A 335 31.84 22.85 -15.78
C ASN A 335 31.05 22.85 -14.48
N ASN A 336 29.77 23.20 -14.58
CA ASN A 336 28.93 23.32 -13.41
C ASN A 336 27.77 22.29 -13.44
N ILE A 337 27.79 21.41 -14.43
CA ILE A 337 26.85 20.31 -14.45
C ILE A 337 27.56 18.97 -14.26
N TYR A 338 27.16 18.22 -13.24
CA TYR A 338 27.63 16.85 -13.00
C TYR A 338 26.56 15.81 -13.36
N ALA A 339 26.96 14.57 -13.59
CA ALA A 339 25.99 13.45 -13.65
C ALA A 339 26.53 12.21 -12.96
N ILE A 340 25.69 11.57 -12.16
CA ILE A 340 26.09 10.34 -11.49
C ILE A 340 25.05 9.25 -11.78
N GLY A 341 25.41 7.98 -11.57
CA GLY A 341 24.46 6.89 -11.70
C GLY A 341 24.20 6.38 -13.11
N ASP A 342 23.06 5.72 -13.29
CA ASP A 342 22.71 5.03 -14.54
C ASP A 342 22.58 5.93 -15.77
N CYS A 343 22.49 7.24 -15.57
CA CYS A 343 22.23 8.11 -16.71
C CYS A 343 23.51 8.53 -17.45
N LYS A 344 24.67 8.07 -16.99
CA LYS A 344 25.94 8.52 -17.56
C LYS A 344 27.00 7.43 -17.75
N LYS A 345 27.89 7.65 -18.72
CA LYS A 345 29.16 6.91 -18.84
C LYS A 345 30.30 7.88 -18.60
N ILE A 346 31.41 7.42 -18.04
CA ILE A 346 32.63 8.23 -17.88
C ILE A 346 33.55 8.15 -19.12
N GLN A 347 33.94 9.29 -19.66
CA GLN A 347 35.00 9.33 -20.68
C GLN A 347 36.20 10.09 -20.18
N PRO A 348 37.17 9.39 -19.57
CA PRO A 348 38.25 10.10 -18.88
C PRO A 348 39.25 10.76 -19.81
N LYS A 349 39.97 11.72 -19.25
CA LYS A 349 41.11 12.34 -19.89
C LYS A 349 41.99 11.25 -20.47
N LEU A 350 42.31 11.37 -21.76
CA LEU A 350 43.09 10.37 -22.48
C LEU A 350 44.58 10.35 -22.10
N LEU A 351 45.10 9.16 -21.81
CA LEU A 351 46.55 9.01 -21.54
C LEU A 351 47.38 9.39 -22.76
N HIS A 352 46.95 8.95 -23.95
CA HIS A 352 47.77 9.15 -25.12
C HIS A 352 47.72 10.58 -25.63
N GLU A 353 46.94 11.44 -24.98
CA GLU A 353 47.00 12.87 -25.27
C GLU A 353 48.00 13.55 -24.34
N HIS A 354 48.56 12.79 -23.41
CA HIS A 354 49.46 13.34 -22.41
C HIS A 354 50.71 12.45 -22.27
N THR A 355 51.11 11.86 -23.38
CA THR A 355 52.20 10.91 -23.41
C THR A 355 53.52 11.48 -22.86
N ASN A 356 54.04 12.50 -23.54
CA ASN A 356 55.32 13.14 -23.14
C ASN A 356 55.34 13.53 -21.66
N GLU A 357 54.25 14.12 -21.20
CA GLU A 357 54.15 14.53 -19.80
C GLU A 357 54.28 13.31 -18.89
N ILE A 358 53.66 12.20 -19.29
CA ILE A 358 53.74 10.98 -18.49
C ILE A 358 55.16 10.39 -18.52
N ILE A 359 55.78 10.39 -19.70
CA ILE A 359 57.17 9.97 -19.82
C ILE A 359 58.09 10.68 -18.83
N LYS A 360 58.00 12.02 -18.75
CA LYS A 360 58.82 12.81 -17.81
C LYS A 360 58.65 12.36 -16.35
N ILE A 361 57.41 12.01 -16.00
CA ILE A 361 57.07 11.54 -14.65
C ILE A 361 57.78 10.22 -14.26
N LEU A 362 58.23 9.47 -15.25
CA LEU A 362 58.84 8.17 -14.97
C LEU A 362 60.38 8.23 -14.88
N THR A 363 60.94 7.18 -14.28
CA THR A 363 62.39 6.87 -14.30
C THR A 363 63.10 7.28 -15.59
N LYS A 366 64.45 3.75 -18.32
CA LYS A 366 63.66 2.53 -18.52
C LYS A 366 62.62 2.71 -19.63
N LEU A 367 61.39 3.05 -19.22
CA LEU A 367 60.20 3.25 -20.07
C LEU A 367 59.50 1.91 -20.40
N THR A 368 59.23 1.17 -19.34
CA THR A 368 58.57 -0.12 -19.44
C THR A 368 57.17 -0.06 -18.87
N SER A 369 56.40 -1.13 -19.08
CA SER A 369 55.07 -1.20 -18.50
C SER A 369 55.15 -1.12 -16.98
N GLU A 370 56.21 -1.68 -16.40
CA GLU A 370 56.25 -1.66 -14.94
C GLU A 370 56.95 -0.42 -14.45
N ALA A 371 57.54 0.34 -15.36
CA ALA A 371 57.93 1.68 -14.99
C ALA A 371 56.63 2.44 -14.73
N LEU A 372 55.72 2.35 -15.70
CA LEU A 372 54.41 2.94 -15.61
C LEU A 372 53.69 2.47 -14.36
N LYS A 373 53.64 1.16 -14.16
CA LYS A 373 52.95 0.60 -13.01
C LYS A 373 53.54 1.08 -11.70
N LEU A 374 54.84 1.36 -11.67
CA LEU A 374 55.46 1.79 -10.42
C LEU A 374 54.89 3.14 -9.99
N LYS A 375 54.45 3.95 -10.95
CA LYS A 375 53.90 5.26 -10.65
C LYS A 375 52.36 5.27 -10.70
N GLN A 376 51.78 4.08 -10.75
CA GLN A 376 50.35 3.91 -10.94
C GLN A 376 49.55 4.48 -9.77
N SER A 377 50.09 4.41 -8.56
CA SER A 377 49.44 5.04 -7.42
C SER A 377 49.20 6.54 -7.65
N GLU A 378 50.24 7.29 -7.99
CA GLU A 378 50.10 8.72 -8.22
C GLU A 378 49.27 9.08 -9.47
N LEU A 379 49.49 8.37 -10.57
CA LEU A 379 48.89 8.77 -11.83
C LEU A 379 47.41 8.39 -11.91
N THR A 380 47.01 7.51 -11.01
CA THR A 380 45.63 7.03 -10.93
C THR A 380 44.70 8.13 -10.42
N LYS A 381 45.24 9.04 -9.62
CA LYS A 381 44.51 10.23 -9.17
C LYS A 381 44.13 11.13 -10.35
N THR A 382 44.84 10.98 -11.46
CA THR A 382 44.50 11.75 -12.65
C THR A 382 43.80 10.87 -13.68
N PHE A 383 44.33 9.67 -13.92
CA PHE A 383 43.72 8.77 -14.91
C PHE A 383 43.16 7.48 -14.26
N PRO A 384 41.82 7.36 -14.22
CA PRO A 384 41.20 6.18 -13.63
C PRO A 384 41.59 4.91 -14.36
N GLN A 385 41.78 4.99 -15.68
CA GLN A 385 42.03 3.80 -16.47
C GLN A 385 43.37 3.16 -16.10
N LEU A 386 44.26 3.92 -15.45
CA LEU A 386 45.51 3.35 -14.98
C LEU A 386 45.35 2.42 -13.78
N SER A 387 44.15 2.37 -13.20
CA SER A 387 43.94 1.60 -11.97
C SER A 387 44.24 0.11 -12.17
N ILE A 388 44.76 -0.54 -11.13
CA ILE A 388 45.04 -1.97 -11.23
C ILE A 388 43.72 -2.76 -11.30
N SER A 389 42.62 -2.09 -10.98
CA SER A 389 41.29 -2.64 -11.16
C SER A 389 40.72 -2.30 -12.53
N LYS A 390 41.47 -1.56 -13.33
CA LYS A 390 40.97 -1.19 -14.65
C LYS A 390 41.86 -1.71 -15.77
N TRP A 391 43.11 -2.01 -15.43
CA TRP A 391 44.08 -2.47 -16.40
C TRP A 391 44.88 -3.60 -15.79
N ASP A 392 44.96 -4.72 -16.52
CA ASP A 392 45.74 -5.85 -16.04
C ASP A 392 47.21 -5.67 -16.42
N TYR A 393 48.01 -5.22 -15.45
CA TYR A 393 49.43 -4.97 -15.73
C TYR A 393 50.25 -6.23 -16.02
N GLU A 394 49.84 -7.37 -15.47
CA GLU A 394 50.63 -8.59 -15.64
C GLU A 394 50.24 -9.32 -16.92
N LYS A 395 48.95 -9.41 -17.21
CA LYS A 395 48.52 -9.94 -18.50
C LYS A 395 48.93 -9.04 -19.67
N ASN A 396 49.52 -7.89 -19.35
CA ASN A 396 49.96 -6.94 -20.39
C ASN A 396 51.33 -6.31 -20.09
N LYS A 397 52.32 -7.07 -19.66
CA LYS A 397 53.64 -6.46 -19.50
C LYS A 397 54.19 -6.13 -20.87
N LYS A 398 55.00 -5.09 -20.90
CA LYS A 398 55.61 -4.64 -22.14
C LYS A 398 57.05 -4.24 -21.83
N GLY A 399 57.99 -4.78 -22.60
CA GLY A 399 59.40 -4.45 -22.42
C GLY A 399 59.64 -3.01 -22.87
N GLU A 400 60.89 -2.58 -22.82
CA GLU A 400 61.22 -1.19 -23.13
C GLU A 400 60.66 -0.76 -24.47
N MET A 401 59.96 0.38 -24.47
CA MET A 401 59.33 0.90 -25.67
C MET A 401 59.93 2.23 -26.13
N THR A 402 59.90 2.48 -27.43
CA THR A 402 60.14 3.79 -27.96
C THR A 402 58.93 4.64 -27.63
N PRO A 403 59.15 5.96 -27.38
CA PRO A 403 58.07 6.94 -27.18
C PRO A 403 56.80 6.66 -28.01
N GLN A 404 56.94 6.42 -29.30
CA GLN A 404 55.76 6.16 -30.12
C GLN A 404 55.04 4.89 -29.66
N GLN A 405 55.83 3.86 -29.38
CA GLN A 405 55.30 2.58 -28.89
C GLN A 405 54.61 2.78 -27.54
N PHE A 406 55.19 3.60 -26.67
CA PHE A 406 54.60 3.92 -25.37
C PHE A 406 53.27 4.63 -25.55
N HIS A 407 53.22 5.51 -26.54
CA HIS A 407 52.02 6.24 -26.88
C HIS A 407 50.94 5.28 -27.37
N ASP A 408 51.34 4.26 -28.12
CA ASP A 408 50.42 3.21 -28.57
C ASP A 408 49.87 2.43 -27.39
N TYR A 409 50.74 2.19 -26.42
CA TYR A 409 50.43 1.40 -25.24
C TYR A 409 49.46 2.14 -24.35
N LEU A 410 49.75 3.42 -24.11
CA LEU A 410 48.86 4.30 -23.37
C LEU A 410 47.49 4.33 -24.00
N PHE A 411 47.46 4.43 -25.32
CA PHE A 411 46.24 4.39 -26.12
C PHE A 411 45.42 3.11 -25.84
N GLU A 412 46.08 1.97 -25.73
CA GLU A 412 45.38 0.72 -25.44
C GLU A 412 44.69 0.77 -24.06
N ILE A 413 45.38 1.38 -23.09
CA ILE A 413 44.79 1.51 -21.77
C ILE A 413 43.54 2.40 -21.84
N ASP A 414 43.65 3.50 -22.57
CA ASP A 414 42.52 4.38 -22.81
C ASP A 414 41.32 3.61 -23.38
N LYS A 415 41.54 2.85 -24.44
CA LYS A 415 40.46 2.10 -25.10
C LYS A 415 39.88 1.02 -24.20
N ASN A 416 40.67 0.54 -23.27
CA ASN A 416 40.22 -0.57 -22.46
C ASN A 416 39.35 -0.11 -21.32
N TYR A 417 39.37 1.19 -21.03
CA TYR A 417 38.63 1.71 -19.87
C TYR A 417 37.14 1.38 -19.99
N LYS A 418 36.58 0.90 -18.90
CA LYS A 418 35.15 0.56 -18.84
C LYS A 418 34.52 1.49 -17.82
N SER A 419 33.44 2.15 -18.21
CA SER A 419 32.73 3.06 -17.32
C SER A 419 32.10 2.22 -16.21
N PRO A 420 31.91 2.79 -15.01
CA PRO A 420 31.30 1.99 -13.93
C PRO A 420 29.97 1.37 -14.34
N THR A 421 29.71 0.15 -13.90
CA THR A 421 28.49 -0.56 -14.28
C THR A 421 27.29 0.14 -13.62
N PRO A 422 26.10 0.05 -14.23
CA PRO A 422 24.92 0.74 -13.72
C PRO A 422 24.32 -0.02 -12.56
N THR A 423 24.91 0.19 -11.40
CA THR A 423 24.50 -0.47 -10.17
C THR A 423 24.31 0.55 -9.07
N ALA A 424 23.56 0.16 -8.04
CA ALA A 424 23.33 1.02 -6.89
C ALA A 424 24.66 1.23 -6.17
N GLN A 425 25.44 0.15 -6.07
CA GLN A 425 26.76 0.22 -5.49
C GLN A 425 27.62 1.33 -6.11
N ASN A 426 27.67 1.39 -7.43
CA ASN A 426 28.42 2.45 -8.09
C ASN A 426 27.76 3.84 -7.95
N ALA A 427 26.44 3.89 -8.08
CA ALA A 427 25.75 5.16 -7.91
C ALA A 427 26.00 5.71 -6.50
N LYS A 428 25.94 4.84 -5.50
CA LYS A 428 26.17 5.29 -4.14
C LYS A 428 27.60 5.82 -3.99
N GLN A 429 28.57 5.08 -4.54
CA GLN A 429 29.98 5.44 -4.37
C GLN A 429 30.27 6.73 -5.10
N GLU A 430 29.70 6.89 -6.28
CA GLU A 430 29.81 8.16 -6.98
C GLU A 430 29.22 9.29 -6.17
N ALA A 431 28.06 9.06 -5.56
CA ALA A 431 27.42 10.09 -4.77
C ALA A 431 28.27 10.53 -3.58
N TYR A 432 28.97 9.60 -2.92
CA TYR A 432 29.78 9.99 -1.77
C TYR A 432 31.06 10.70 -2.23
N TYR A 433 31.64 10.22 -3.32
CA TYR A 433 32.81 10.86 -3.88
C TYR A 433 32.50 12.34 -4.19
N LEU A 434 31.47 12.57 -4.97
CA LEU A 434 31.16 13.89 -5.44
C LEU A 434 30.77 14.84 -4.32
N SER A 435 29.97 14.37 -3.39
CA SER A 435 29.53 15.25 -2.30
C SER A 435 30.73 15.62 -1.44
N ASN A 436 31.59 14.64 -1.16
CA ASN A 436 32.82 14.90 -0.45
C ASN A 436 33.74 15.85 -1.22
N VAL A 437 33.69 15.82 -2.55
CA VAL A 437 34.47 16.77 -3.34
C VAL A 437 33.94 18.18 -3.19
N PHE A 438 32.63 18.33 -3.20
CA PHE A 438 32.01 19.62 -2.90
C PHE A 438 32.26 20.07 -1.46
N ASN A 439 32.27 19.12 -0.52
CA ASN A 439 32.41 19.44 0.89
C ASN A 439 33.82 19.87 1.27
N ASN A 440 34.81 19.26 0.61
CA ASN A 440 36.16 19.28 1.12
C ASN A 440 37.23 19.71 0.12
N PHE A 441 36.82 19.97 -1.12
CA PHE A 441 37.80 20.27 -2.17
C PHE A 441 37.47 21.55 -2.90
N ILE A 442 36.25 21.66 -3.39
CA ILE A 442 35.81 22.90 -3.98
C ILE A 442 35.69 23.96 -2.90
N HIS A 443 36.33 25.12 -3.15
CA HIS A 443 36.13 26.31 -2.32
C HIS A 443 36.85 26.14 -0.98
N THR A 444 38.01 25.50 -1.10
CA THR A 444 38.93 25.23 -0.02
C THR A 444 40.35 25.20 -0.60
N ASN A 445 41.35 25.00 0.28
CA ASN A 445 42.78 24.90 -0.06
C ASN A 445 43.12 23.86 -1.15
N GLN A 446 42.16 23.00 -1.49
CA GLN A 446 42.41 21.85 -2.38
C GLN A 446 41.66 21.85 -3.74
N LYS A 447 41.22 23.01 -4.21
CA LYS A 447 40.46 23.14 -5.47
C LYS A 447 41.00 22.35 -6.69
N PHE A 448 42.29 22.00 -6.67
CA PHE A 448 42.98 21.51 -7.87
C PHE A 448 43.52 20.12 -7.65
N ASN A 449 43.42 19.69 -6.41
CA ASN A 449 43.93 18.40 -6.01
C ASN A 449 42.81 17.34 -6.00
N ILE A 450 41.73 17.63 -6.73
CA ILE A 450 40.59 16.73 -6.82
C ILE A 450 40.93 15.47 -7.60
N PRO A 451 40.88 14.32 -6.92
CA PRO A 451 41.18 13.05 -7.59
C PRO A 451 40.02 12.60 -8.46
N SER A 452 40.32 11.76 -9.44
CA SER A 452 39.29 11.21 -10.32
C SER A 452 38.60 10.04 -9.62
N PHE A 453 37.33 9.78 -9.98
CA PHE A 453 36.55 8.71 -9.36
C PHE A 453 36.96 7.33 -9.82
N ILE A 454 37.13 6.41 -8.88
CA ILE A 454 37.39 4.98 -9.14
C ILE A 454 36.56 4.07 -8.24
N GLU A 455 35.71 3.22 -8.84
CA GLU A 455 34.88 2.31 -8.03
C GLU A 455 35.76 1.32 -7.33
N LYS A 456 35.27 0.85 -6.19
CA LYS A 456 35.74 -0.39 -5.65
C LYS A 456 34.57 -1.38 -5.80
N TRP A 457 34.83 -2.51 -6.43
CA TRP A 457 33.82 -3.56 -6.53
C TRP A 457 33.75 -4.29 -5.20
N LYS A 458 32.55 -4.40 -4.65
CA LYS A 458 32.35 -5.02 -3.35
C LYS A 458 31.68 -6.39 -3.47
N GLY A 459 31.33 -6.80 -4.68
CA GLY A 459 30.65 -8.06 -4.90
C GLY A 459 29.18 -7.89 -5.19
N SER A 460 28.53 -8.95 -5.65
CA SER A 460 27.10 -8.95 -5.94
C SER A 460 26.39 -10.16 -5.33
N LEU A 461 25.15 -9.97 -4.88
CA LEU A 461 24.35 -11.05 -4.29
C LEU A 461 23.06 -11.24 -5.07
N ALA A 462 22.42 -12.39 -4.91
CA ALA A 462 21.16 -12.68 -5.58
C ALA A 462 20.41 -13.76 -4.84
N TYR A 463 19.12 -13.56 -4.63
CA TYR A 463 18.28 -14.64 -4.13
C TYR A 463 17.72 -15.44 -5.30
N ILE A 464 17.91 -16.75 -5.27
CA ILE A 464 17.44 -17.60 -6.37
C ILE A 464 16.37 -18.63 -5.97
N GLY A 465 15.60 -18.31 -4.93
CA GLY A 465 14.49 -19.16 -4.51
C GLY A 465 14.86 -20.29 -3.56
N ASN A 466 13.86 -20.71 -2.77
CA ASN A 466 13.98 -21.86 -1.90
C ASN A 466 15.16 -21.79 -0.93
N HIS A 467 15.36 -20.60 -0.37
CA HIS A 467 16.34 -20.30 0.68
C HIS A 467 17.76 -20.23 0.17
N GLN A 468 17.94 -20.36 -1.14
CA GLN A 468 19.27 -20.39 -1.73
C GLN A 468 19.76 -19.00 -2.16
N VAL A 469 20.87 -18.56 -1.60
CA VAL A 469 21.46 -17.29 -1.98
C VAL A 469 22.77 -17.54 -2.69
N VAL A 470 23.04 -16.74 -3.71
CA VAL A 470 24.33 -16.79 -4.39
C VAL A 470 25.06 -15.45 -4.26
N ALA A 471 26.37 -15.50 -4.13
CA ALA A 471 27.15 -14.29 -4.04
C ALA A 471 28.44 -14.46 -4.81
N ASP A 472 28.74 -13.46 -5.61
CA ASP A 472 29.94 -13.44 -6.41
C ASP A 472 30.77 -12.30 -5.85
N LEU A 473 31.52 -12.60 -4.80
CA LEU A 473 32.32 -11.62 -4.08
C LEU A 473 33.77 -11.65 -4.57
N PRO A 474 34.56 -10.59 -4.28
CA PRO A 474 35.96 -10.52 -4.73
C PRO A 474 36.82 -11.75 -4.47
N TYR A 475 36.66 -12.42 -3.33
CA TYR A 475 37.51 -13.58 -3.07
C TYR A 475 36.71 -14.83 -2.68
N TYR A 476 35.39 -14.76 -2.86
CA TYR A 476 34.47 -15.82 -2.44
C TYR A 476 33.38 -16.04 -3.49
N GLU A 477 32.83 -17.25 -3.53
CA GLU A 477 31.55 -17.51 -4.20
C GLU A 477 30.64 -18.23 -3.22
N LEU A 478 29.44 -17.70 -3.02
CA LEU A 478 28.38 -18.44 -2.35
C LEU A 478 27.53 -19.16 -3.36
N LYS A 479 27.29 -20.44 -3.13
CA LYS A 479 26.41 -21.21 -3.98
C LYS A 479 25.40 -21.97 -3.11
N GLY A 480 24.54 -21.21 -2.45
CA GLY A 480 23.46 -21.82 -1.70
C GLY A 480 23.87 -22.30 -0.32
N GLY A 481 23.02 -23.08 0.31
CA GLY A 481 23.31 -23.63 1.62
C GLY A 481 22.49 -23.02 2.72
N ARG A 482 22.34 -23.78 3.81
CA ARG A 482 21.62 -23.41 5.01
C ARG A 482 21.91 -21.98 5.51
N PHE A 483 23.16 -21.56 5.44
CA PHE A 483 23.55 -20.27 6.00
C PHE A 483 23.72 -19.18 4.94
N SER A 484 23.23 -19.47 3.72
CA SER A 484 23.22 -18.50 2.62
C SER A 484 22.32 -17.30 2.89
N SER A 485 21.10 -17.60 3.31
CA SER A 485 20.11 -16.60 3.65
C SER A 485 20.66 -15.71 4.75
N THR A 486 21.26 -16.35 5.74
CA THR A 486 21.81 -15.64 6.87
C THR A 486 22.84 -14.61 6.39
N PHE A 487 23.69 -15.01 5.45
CA PHE A 487 24.69 -14.08 4.90
C PHE A 487 24.03 -12.91 4.20
N TRP A 488 23.00 -13.21 3.38
CA TRP A 488 22.22 -12.21 2.67
C TRP A 488 21.62 -11.16 3.63
N LYS A 489 21.05 -11.65 4.72
CA LYS A 489 20.42 -10.77 5.72
C LYS A 489 21.43 -9.90 6.48
N VAL A 490 22.55 -10.48 6.90
CA VAL A 490 23.61 -9.65 7.50
C VAL A 490 24.16 -8.60 6.53
N VAL A 491 24.24 -8.94 5.25
CA VAL A 491 24.69 -7.95 4.29
C VAL A 491 23.69 -6.80 4.15
N TYR A 492 22.46 -7.13 3.79
CA TYR A 492 21.49 -6.10 3.46
C TYR A 492 20.97 -5.31 4.67
N ILE A 493 20.97 -5.87 5.88
CA ILE A 493 20.52 -5.05 7.01
C ILE A 493 21.56 -3.96 7.30
N GLN A 494 22.75 -4.11 6.74
CA GLN A 494 23.79 -3.08 6.87
C GLN A 494 23.78 -2.08 5.71
N LEU A 495 23.23 -2.49 4.57
CA LEU A 495 23.16 -1.58 3.42
C LEU A 495 21.97 -0.62 3.51
N LEU A 496 20.98 -0.97 4.34
CA LEU A 496 19.84 -0.11 4.60
C LEU A 496 20.31 1.22 5.20
N LEU A 497 19.67 2.32 4.82
CA LEU A 497 20.17 3.66 5.13
C LEU A 497 19.51 4.35 6.33
N SER A 498 18.72 3.61 7.08
CA SER A 498 18.15 4.14 8.31
C SER A 498 17.90 3.02 9.31
N TRP A 499 17.80 3.37 10.59
CA TRP A 499 17.43 2.40 11.62
C TRP A 499 15.96 2.01 11.49
N LYS A 500 15.16 2.95 10.99
CA LYS A 500 13.75 2.66 10.75
C LYS A 500 13.64 1.45 9.84
N SER A 501 14.37 1.50 8.74
CA SER A 501 14.29 0.44 7.77
C SER A 501 14.86 -0.87 8.32
N ARG A 502 15.80 -0.77 9.25
CA ARG A 502 16.38 -1.97 9.83
C ARG A 502 15.39 -2.65 10.73
N PHE A 503 14.65 -1.84 11.46
CA PHE A 503 13.56 -2.33 12.29
C PHE A 503 12.61 -3.15 11.43
N HIS A 504 12.12 -2.55 10.34
CA HIS A 504 11.16 -3.21 9.47
C HIS A 504 11.71 -4.46 8.82
N PHE A 505 12.98 -4.41 8.45
CA PHE A 505 13.67 -5.55 7.87
C PHE A 505 13.55 -6.75 8.79
N PHE A 506 13.91 -6.51 10.05
CA PHE A 506 13.85 -7.54 11.06
C PHE A 506 12.40 -8.04 11.26
N ILE A 507 11.48 -7.11 11.52
CA ILE A 507 10.10 -7.43 11.81
C ILE A 507 9.41 -8.12 10.63
N ASP A 508 9.67 -7.63 9.43
CA ASP A 508 9.01 -8.16 8.25
C ASP A 508 9.35 -9.63 8.03
N PHE A 509 10.57 -10.03 8.34
CA PHE A 509 10.95 -11.43 8.18
C PHE A 509 10.32 -12.34 9.26
N ILE A 510 10.29 -11.86 10.49
CA ILE A 510 9.57 -12.55 11.56
C ILE A 510 8.13 -12.75 11.14
N LYS A 511 7.52 -11.67 10.67
CA LYS A 511 6.11 -11.72 10.30
C LYS A 511 5.92 -12.73 9.19
N THR A 512 6.83 -12.73 8.23
CA THR A 512 6.69 -13.65 7.12
C THR A 512 6.94 -15.09 7.57
N LYS A 513 7.89 -15.27 8.49
CA LYS A 513 8.16 -16.60 9.03
C LYS A 513 6.98 -17.16 9.83
N TRP A 514 6.46 -16.41 10.81
CA TRP A 514 5.40 -16.90 11.68
C TRP A 514 4.01 -16.93 11.01
N TYR A 515 3.70 -15.94 10.19
CA TYR A 515 2.32 -15.77 9.72
C TYR A 515 2.14 -15.95 8.21
N GLY A 516 3.21 -15.83 7.46
CA GLY A 516 3.13 -15.96 6.01
C GLY A 516 2.90 -14.69 5.21
N ARG A 517 3.07 -14.82 3.90
CA ARG A 517 2.79 -13.74 2.98
C ARG A 517 1.29 -13.43 2.96
N PRO A 518 0.94 -12.16 2.77
CA PRO A 518 -0.46 -11.70 2.74
C PRO A 518 -1.12 -11.78 1.36
N PHE A 519 -2.44 -11.89 1.32
CA PHE A 519 -3.19 -11.85 0.06
C PHE A 519 -4.02 -10.59 -0.19
N ILE A 520 -3.92 -9.60 0.70
CA ILE A 520 -4.57 -8.29 0.50
C ILE A 520 -4.21 -7.67 -0.84
N LYS A 521 -5.18 -7.22 -1.62
CA LYS A 521 -4.89 -6.61 -2.93
C LYS A 521 -5.76 -5.41 -3.28
N ARG B 27 -23.99 -33.17 -1.04
CA ARG B 27 -25.34 -33.23 -0.49
C ARG B 27 -25.40 -32.70 0.95
N LYS B 28 -24.29 -32.09 1.40
CA LYS B 28 -24.36 -31.18 2.55
C LYS B 28 -25.18 -29.97 2.12
N GLU B 29 -25.91 -29.35 3.03
CA GLU B 29 -26.66 -28.16 2.67
C GLU B 29 -25.70 -27.00 2.37
N LYS B 30 -26.06 -26.18 1.39
CA LYS B 30 -25.20 -25.08 0.98
C LYS B 30 -25.64 -23.76 1.62
N ILE B 31 -24.73 -23.17 2.39
CA ILE B 31 -24.94 -21.83 2.89
C ILE B 31 -24.11 -20.85 2.08
N ILE B 32 -24.76 -19.93 1.38
CA ILE B 32 -24.02 -18.81 0.77
C ILE B 32 -24.04 -17.55 1.65
N ILE B 33 -22.85 -17.08 2.04
CA ILE B 33 -22.70 -15.83 2.75
C ILE B 33 -22.35 -14.71 1.78
N LEU B 34 -23.14 -13.64 1.81
CA LEU B 34 -22.83 -12.47 1.02
C LEU B 34 -22.19 -11.39 1.88
N GLY B 35 -20.95 -11.02 1.53
CA GLY B 35 -20.25 -9.93 2.20
C GLY B 35 -19.12 -10.47 3.06
N SER B 36 -17.98 -9.77 3.07
CA SER B 36 -16.85 -10.19 3.90
C SER B 36 -16.55 -9.17 5.03
N GLY B 37 -17.59 -8.51 5.53
CA GLY B 37 -17.42 -7.57 6.62
C GLY B 37 -17.56 -8.16 8.02
N TRP B 38 -17.94 -7.32 8.99
CA TRP B 38 -18.06 -7.78 10.37
C TRP B 38 -19.08 -8.91 10.51
N GLY B 39 -20.21 -8.80 9.83
CA GLY B 39 -21.20 -9.86 9.82
C GLY B 39 -20.73 -11.13 9.09
N GLY B 40 -20.47 -11.02 7.80
CA GLY B 40 -20.09 -12.19 7.01
C GLY B 40 -18.85 -12.94 7.47
N PHE B 41 -17.78 -12.20 7.75
CA PHE B 41 -16.52 -12.81 8.15
C PHE B 41 -16.66 -13.54 9.49
N ASN B 42 -17.42 -12.96 10.42
CA ASN B 42 -17.54 -13.58 11.73
C ASN B 42 -18.46 -14.77 11.68
N PHE B 43 -19.43 -14.74 10.77
CA PHE B 43 -20.26 -15.91 10.55
C PHE B 43 -19.35 -17.03 10.03
N LEU B 44 -18.51 -16.70 9.05
CA LEU B 44 -17.54 -17.65 8.49
C LEU B 44 -16.65 -18.26 9.57
N LEU B 45 -16.10 -17.42 10.43
CA LEU B 45 -15.27 -17.89 11.53
C LEU B 45 -15.93 -18.92 12.43
N ASN B 46 -17.24 -18.85 12.60
CA ASN B 46 -17.84 -19.72 13.59
C ASN B 46 -18.69 -20.84 13.01
N ILE B 47 -19.14 -20.69 11.77
CA ILE B 47 -19.98 -21.70 11.17
C ILE B 47 -19.22 -23.03 10.98
N ASP B 48 -19.86 -24.14 11.32
CA ASP B 48 -19.22 -25.45 11.25
C ASP B 48 -19.08 -25.97 9.81
N PHE B 49 -17.85 -26.01 9.29
CA PHE B 49 -17.62 -26.47 7.91
C PHE B 49 -17.85 -27.97 7.75
N LYS B 50 -17.86 -28.71 8.86
CA LYS B 50 -18.18 -30.13 8.77
C LYS B 50 -19.68 -30.28 8.54
N LYS B 51 -20.48 -29.48 9.23
CA LYS B 51 -21.94 -29.62 9.13
C LYS B 51 -22.52 -29.03 7.84
N TYR B 52 -21.85 -28.02 7.25
CA TYR B 52 -22.40 -27.34 6.06
C TYR B 52 -21.36 -27.13 4.99
N ASP B 53 -21.82 -26.87 3.77
CA ASP B 53 -20.94 -26.52 2.67
C ASP B 53 -21.04 -25.01 2.44
N VAL B 54 -20.07 -24.28 2.96
CA VAL B 54 -20.15 -22.82 3.04
C VAL B 54 -19.35 -22.08 1.98
N THR B 55 -20.00 -21.14 1.29
CA THR B 55 -19.31 -20.24 0.36
C THR B 55 -19.57 -18.76 0.67
N LEU B 56 -18.51 -18.01 0.99
CA LEU B 56 -18.60 -16.56 1.14
C LEU B 56 -18.36 -15.90 -0.21
N ILE B 57 -19.24 -14.96 -0.55
CA ILE B 57 -19.12 -14.23 -1.79
C ILE B 57 -19.01 -12.75 -1.51
N SER B 58 -17.96 -12.13 -2.01
CA SER B 58 -17.70 -10.73 -1.75
C SER B 58 -16.72 -10.16 -2.78
N PRO B 59 -16.97 -8.93 -3.24
CA PRO B 59 -16.09 -8.30 -4.25
C PRO B 59 -14.74 -7.96 -3.66
N ARG B 60 -14.67 -8.10 -2.33
CA ARG B 60 -13.52 -7.75 -1.50
C ARG B 60 -12.98 -9.03 -0.85
N ASN B 61 -11.72 -9.34 -1.10
CA ASN B 61 -11.15 -10.61 -0.67
C ASN B 61 -10.47 -10.55 0.69
N TYR B 62 -10.79 -9.50 1.44
CA TYR B 62 -10.30 -9.39 2.80
C TYR B 62 -11.38 -8.86 3.72
N PHE B 63 -11.21 -9.11 5.02
CA PHE B 63 -12.04 -8.47 6.02
C PHE B 63 -11.37 -7.18 6.46
N THR B 64 -12.18 -6.12 6.59
CA THR B 64 -11.65 -4.84 6.98
C THR B 64 -12.01 -4.54 8.44
N PHE B 65 -11.01 -4.42 9.28
CA PHE B 65 -11.21 -4.12 10.70
C PHE B 65 -11.50 -2.61 10.87
N THR B 66 -12.74 -2.21 10.60
CA THR B 66 -13.10 -0.79 10.46
C THR B 66 -12.78 0.16 11.64
N PRO B 67 -12.72 -0.33 12.89
CA PRO B 67 -12.40 0.63 13.96
C PRO B 67 -11.02 1.30 13.84
N LEU B 68 -10.07 0.65 13.19
CA LEU B 68 -8.74 1.22 13.13
C LEU B 68 -8.55 1.95 11.81
N LEU B 69 -9.63 2.04 11.03
CA LEU B 69 -9.57 2.68 9.72
C LEU B 69 -9.10 4.15 9.78
N PRO B 70 -9.50 4.90 10.82
CA PRO B 70 -8.98 6.28 10.86
C PRO B 70 -7.47 6.34 11.04
N CYS B 71 -6.88 5.37 11.75
CA CYS B 71 -5.42 5.34 11.94
C CYS B 71 -4.69 5.12 10.63
N LEU B 72 -5.41 4.59 9.67
CA LEU B 72 -4.85 4.35 8.37
C LEU B 72 -4.73 5.67 7.61
N CYS B 73 -5.67 6.58 7.86
CA CYS B 73 -5.70 7.89 7.23
C CYS B 73 -4.46 8.72 7.57
N SER B 74 -3.98 8.57 8.80
CA SER B 74 -2.87 9.38 9.27
C SER B 74 -1.53 8.64 9.21
N GLY B 75 -1.54 7.34 8.92
CA GLY B 75 -0.32 6.55 8.87
C GLY B 75 0.14 5.96 10.20
N THR B 76 -0.66 6.12 11.24
CA THR B 76 -0.33 5.57 12.55
C THR B 76 -0.24 4.04 12.54
N LEU B 77 -1.19 3.39 11.87
CA LEU B 77 -1.21 1.95 11.72
C LEU B 77 -1.10 1.55 10.25
N SER B 78 -0.74 0.31 9.99
CA SER B 78 -0.56 -0.17 8.63
C SER B 78 -1.78 -0.95 8.14
N VAL B 79 -1.75 -1.34 6.88
CA VAL B 79 -2.84 -2.07 6.30
C VAL B 79 -2.96 -3.46 6.93
N ASN B 80 -1.83 -4.04 7.30
CA ASN B 80 -1.81 -5.38 7.88
C ASN B 80 -2.63 -5.49 9.17
N VAL B 81 -2.64 -4.43 9.97
CA VAL B 81 -3.39 -4.48 11.21
C VAL B 81 -4.88 -4.20 10.96
N CYS B 82 -5.24 -3.70 9.79
CA CYS B 82 -6.65 -3.41 9.50
C CYS B 82 -7.30 -4.50 8.68
N THR B 83 -6.61 -5.62 8.53
CA THR B 83 -6.98 -6.58 7.52
C THR B 83 -6.91 -8.02 7.99
N GLU B 84 -7.80 -8.83 7.42
CA GLU B 84 -7.67 -10.29 7.42
C GLU B 84 -8.00 -10.83 6.02
N SER B 85 -7.09 -11.61 5.45
CA SER B 85 -7.34 -12.28 4.17
C SER B 85 -8.27 -13.46 4.38
N ILE B 86 -9.40 -13.46 3.67
CA ILE B 86 -10.42 -14.50 3.81
C ILE B 86 -9.87 -15.92 3.71
N ARG B 87 -9.03 -16.18 2.73
CA ARG B 87 -8.57 -17.54 2.47
C ARG B 87 -7.73 -18.15 3.61
N ASN B 88 -7.10 -17.31 4.42
CA ASN B 88 -6.42 -17.80 5.62
C ASN B 88 -7.36 -18.47 6.61
N PHE B 89 -8.66 -18.21 6.47
CA PHE B 89 -9.62 -18.72 7.45
C PHE B 89 -10.54 -19.80 6.86
N LEU B 90 -10.21 -20.30 5.68
CA LEU B 90 -11.04 -21.25 4.98
C LEU B 90 -10.80 -22.71 5.40
N ARG B 91 -9.85 -22.94 6.29
CA ARG B 91 -9.59 -24.29 6.79
C ARG B 91 -9.61 -24.33 8.30
N LYS B 92 -10.65 -24.90 8.89
CA LYS B 92 -10.65 -25.03 10.33
C LYS B 92 -9.85 -26.28 10.68
N LYS B 93 -9.57 -26.45 11.97
CA LYS B 93 -8.54 -27.38 12.43
C LYS B 93 -9.02 -28.84 12.36
N ASN B 94 -10.36 -29.01 12.35
CA ASN B 94 -10.99 -30.32 12.19
C ASN B 94 -10.74 -30.93 10.80
N GLY B 95 -10.23 -30.12 9.87
CA GLY B 95 -9.89 -30.56 8.53
C GLY B 95 -10.86 -30.24 7.41
N TYR B 96 -12.03 -29.72 7.75
CA TYR B 96 -13.03 -29.37 6.72
C TYR B 96 -12.86 -27.91 6.27
N CYS B 97 -13.23 -27.66 5.01
CA CYS B 97 -12.92 -26.40 4.34
C CYS B 97 -14.16 -25.57 4.02
N GLY B 98 -13.93 -24.28 3.74
CA GLY B 98 -14.95 -23.40 3.22
C GLY B 98 -14.50 -22.91 1.85
N ASN B 99 -15.36 -22.18 1.14
CA ASN B 99 -14.96 -21.61 -0.15
C ASN B 99 -15.16 -20.11 -0.16
N TYR B 100 -14.47 -19.43 -1.07
CA TYR B 100 -14.65 -18.02 -1.28
C TYR B 100 -14.67 -17.71 -2.77
N LEU B 101 -15.59 -16.84 -3.20
CA LEU B 101 -15.59 -16.39 -4.59
C LEU B 101 -15.59 -14.86 -4.65
N GLN B 102 -14.78 -14.29 -5.54
CA GLN B 102 -14.71 -12.85 -5.65
C GLN B 102 -15.76 -12.36 -6.61
N LEU B 103 -16.97 -12.19 -6.09
CA LEU B 103 -18.07 -11.71 -6.91
C LEU B 103 -18.87 -10.66 -6.16
N GLU B 104 -19.64 -9.89 -6.91
CA GLU B 104 -20.63 -8.98 -6.36
C GLU B 104 -22.00 -9.49 -6.74
N CYS B 105 -22.81 -9.85 -5.74
CA CYS B 105 -24.18 -10.29 -6.00
C CYS B 105 -25.05 -9.14 -6.51
N THR B 106 -25.84 -9.38 -7.56
CA THR B 106 -26.60 -8.29 -8.17
C THR B 106 -28.11 -8.50 -8.08
N ASP B 107 -28.52 -9.75 -7.83
CA ASP B 107 -29.93 -10.10 -7.66
C ASP B 107 -30.08 -11.33 -6.81
N VAL B 108 -31.14 -11.36 -6.01
CA VAL B 108 -31.54 -12.59 -5.36
C VAL B 108 -32.90 -13.02 -5.89
N PHE B 109 -33.00 -14.31 -6.22
CA PHE B 109 -34.25 -14.88 -6.72
C PHE B 109 -34.77 -15.89 -5.71
N TYR B 110 -35.55 -15.40 -4.74
CA TYR B 110 -35.88 -16.22 -3.59
C TYR B 110 -36.79 -17.41 -3.96
N GLU B 111 -37.62 -17.23 -4.99
CA GLU B 111 -38.53 -18.30 -5.40
C GLU B 111 -37.73 -19.53 -5.86
N ASP B 112 -36.68 -19.29 -6.64
CA ASP B 112 -35.90 -20.37 -7.25
C ASP B 112 -34.59 -20.72 -6.52
N LYS B 113 -34.32 -20.03 -5.41
CA LYS B 113 -33.13 -20.26 -4.55
C LYS B 113 -31.79 -20.12 -5.28
N TYR B 114 -31.64 -19.07 -6.09
CA TYR B 114 -30.34 -18.80 -6.68
C TYR B 114 -30.06 -17.31 -6.63
N ILE B 115 -28.80 -16.93 -6.90
CA ILE B 115 -28.44 -15.53 -6.98
C ILE B 115 -27.64 -15.27 -8.24
N ASN B 116 -27.76 -14.08 -8.80
CA ASN B 116 -26.90 -13.66 -9.89
C ASN B 116 -25.75 -12.82 -9.37
N CYS B 117 -24.54 -13.13 -9.81
CA CYS B 117 -23.38 -12.33 -9.48
C CYS B 117 -22.71 -11.81 -10.76
N ILE B 118 -21.75 -10.89 -10.61
CA ILE B 118 -20.86 -10.50 -11.69
C ILE B 118 -19.44 -10.49 -11.16
N ASP B 119 -18.48 -10.90 -11.99
CA ASP B 119 -17.09 -10.82 -11.59
C ASP B 119 -16.63 -9.40 -11.88
N ILE B 120 -15.33 -9.15 -11.83
CA ILE B 120 -14.91 -7.78 -11.98
C ILE B 120 -14.88 -7.38 -13.47
N GLU B 121 -15.23 -8.31 -14.34
CA GLU B 121 -15.21 -8.02 -15.76
C GLU B 121 -16.62 -8.12 -16.34
N ASN B 122 -17.57 -8.08 -15.41
CA ASN B 122 -19.02 -8.04 -15.70
C ASN B 122 -19.59 -9.29 -16.34
N ASN B 123 -18.89 -10.41 -16.15
CA ASN B 123 -19.42 -11.69 -16.54
C ASN B 123 -20.42 -12.19 -15.50
N LYS B 124 -21.63 -12.56 -15.93
CA LYS B 124 -22.64 -13.07 -15.02
C LYS B 124 -22.28 -14.46 -14.50
N VAL B 125 -22.52 -14.69 -13.21
CA VAL B 125 -22.43 -16.00 -12.59
C VAL B 125 -23.75 -16.27 -11.85
N LYS B 126 -24.24 -17.50 -11.90
CA LYS B 126 -25.48 -17.88 -11.27
C LYS B 126 -25.20 -19.01 -10.30
N LEU B 127 -25.69 -18.89 -9.06
CA LEU B 127 -25.32 -19.83 -7.99
C LEU B 127 -26.53 -20.27 -7.19
N PHE B 128 -26.55 -21.54 -6.82
CA PHE B 128 -27.66 -22.06 -6.06
C PHE B 128 -27.26 -22.21 -4.60
N TYR B 129 -28.22 -21.98 -3.71
CA TYR B 129 -28.02 -22.08 -2.28
C TYR B 129 -29.19 -22.82 -1.65
N ASP B 130 -28.98 -23.31 -0.43
CA ASP B 130 -30.05 -23.80 0.43
C ASP B 130 -30.39 -22.75 1.48
N TYR B 131 -29.36 -22.04 1.94
CA TYR B 131 -29.54 -20.91 2.85
C TYR B 131 -28.71 -19.75 2.36
N LEU B 132 -29.27 -18.55 2.45
CA LEU B 132 -28.58 -17.33 2.06
C LEU B 132 -28.39 -16.40 3.27
N ILE B 133 -27.15 -16.02 3.54
CA ILE B 133 -26.87 -15.07 4.60
C ILE B 133 -26.46 -13.74 4.00
N ILE B 134 -27.37 -12.78 4.00
CA ILE B 134 -27.09 -11.46 3.44
C ILE B 134 -26.44 -10.56 4.46
N ALA B 135 -25.19 -10.19 4.18
CA ALA B 135 -24.42 -9.37 5.09
C ALA B 135 -23.63 -8.33 4.31
N VAL B 136 -24.33 -7.60 3.45
CA VAL B 136 -23.68 -6.74 2.48
C VAL B 136 -23.44 -5.34 3.01
N GLY B 137 -23.83 -5.11 4.26
CA GLY B 137 -23.63 -3.83 4.89
C GLY B 137 -24.34 -2.68 4.20
N ALA B 138 -23.83 -1.48 4.45
CA ALA B 138 -24.42 -0.26 3.91
C ALA B 138 -23.34 0.63 3.29
N LYS B 139 -23.76 1.66 2.56
CA LYS B 139 -22.79 2.61 2.01
C LYS B 139 -22.94 4.03 2.59
N THR B 140 -22.04 4.92 2.21
CA THR B 140 -22.16 6.31 2.66
C THR B 140 -23.28 7.07 1.96
N ASN B 141 -24.01 7.86 2.74
CA ASN B 141 -25.16 8.61 2.28
C ASN B 141 -24.77 10.00 1.78
N THR B 142 -24.98 10.25 0.48
CA THR B 142 -24.66 11.57 -0.03
C THR B 142 -25.82 12.56 0.15
N PHE B 143 -26.99 12.04 0.55
CA PHE B 143 -28.22 12.83 0.62
C PHE B 143 -28.53 13.52 -0.70
N ASN B 144 -28.06 12.92 -1.80
CA ASN B 144 -28.28 13.43 -3.15
C ASN B 144 -27.67 14.79 -3.41
N ILE B 145 -26.92 15.31 -2.44
CA ILE B 145 -26.28 16.62 -2.55
C ILE B 145 -25.34 16.70 -3.77
N ASN B 146 -25.45 17.78 -4.53
CA ASN B 146 -24.62 17.99 -5.73
C ASN B 146 -23.15 18.04 -5.35
N GLY B 147 -22.35 17.11 -5.86
CA GLY B 147 -20.92 17.23 -5.66
C GLY B 147 -20.29 16.37 -4.59
N VAL B 148 -21.09 15.74 -3.73
CA VAL B 148 -20.54 14.82 -2.77
C VAL B 148 -19.82 13.65 -3.48
N ASP B 149 -20.49 12.99 -4.42
CA ASP B 149 -19.90 11.84 -5.10
C ASP B 149 -18.72 12.28 -5.95
N LYS B 150 -18.87 13.44 -6.57
CA LYS B 150 -17.85 13.93 -7.48
C LYS B 150 -16.58 14.41 -6.77
N TYR B 151 -16.73 15.15 -5.67
CA TYR B 151 -15.60 15.87 -5.11
C TYR B 151 -15.13 15.39 -3.74
N ALA B 152 -15.99 14.70 -3.02
CA ALA B 152 -15.67 14.33 -1.64
C ALA B 152 -15.03 12.96 -1.56
N TYR B 153 -14.31 12.74 -0.47
CA TYR B 153 -13.70 11.46 -0.15
C TYR B 153 -14.51 10.76 0.95
N PHE B 154 -14.86 9.49 0.73
CA PHE B 154 -15.56 8.71 1.74
C PHE B 154 -14.56 7.97 2.61
N VAL B 155 -15.00 7.52 3.79
CA VAL B 155 -14.12 6.77 4.69
C VAL B 155 -14.74 5.46 5.12
N LYS B 156 -15.01 4.55 4.19
CA LYS B 156 -15.61 3.30 4.62
C LYS B 156 -14.73 2.07 4.42
N ASP B 157 -13.57 2.23 3.83
CA ASP B 157 -12.72 1.06 3.63
C ASP B 157 -11.26 1.42 3.45
N ILE B 158 -10.42 0.38 3.34
CA ILE B 158 -8.99 0.52 3.21
C ILE B 158 -8.60 1.48 2.08
N ASP B 159 -9.17 1.26 0.90
CA ASP B 159 -8.84 2.09 -0.24
C ASP B 159 -9.17 3.55 0.02
N ASP B 160 -10.34 3.80 0.62
CA ASP B 160 -10.75 5.16 0.98
C ASP B 160 -9.71 5.84 1.88
N ALA B 161 -9.33 5.15 2.95
CA ALA B 161 -8.38 5.73 3.89
C ALA B 161 -7.04 6.06 3.19
N LEU B 162 -6.57 5.18 2.32
CA LEU B 162 -5.32 5.42 1.61
C LEU B 162 -5.43 6.56 0.58
N LYS B 163 -6.57 6.62 -0.11
CA LYS B 163 -6.81 7.72 -1.05
C LYS B 163 -6.78 9.03 -0.26
N ILE B 164 -7.45 9.06 0.88
CA ILE B 164 -7.48 10.24 1.72
C ILE B 164 -6.07 10.63 2.13
N ARG B 165 -5.30 9.67 2.63
CA ARG B 165 -3.93 9.91 3.06
C ARG B 165 -3.08 10.49 1.93
N LYS B 166 -3.19 9.89 0.75
CA LYS B 166 -2.41 10.36 -0.40
C LYS B 166 -2.75 11.81 -0.80
N LYS B 167 -4.04 12.09 -0.93
CA LYS B 167 -4.50 13.40 -1.33
C LYS B 167 -3.90 14.46 -0.42
N PHE B 168 -3.94 14.21 0.87
CA PHE B 168 -3.41 15.15 1.82
C PHE B 168 -1.89 15.39 1.56
N LEU B 169 -1.14 14.31 1.39
CA LEU B 169 0.30 14.44 1.19
C LEU B 169 0.56 15.10 -0.17
N ASP B 170 -0.29 14.78 -1.14
CA ASP B 170 -0.22 15.46 -2.43
C ASP B 170 -0.35 16.95 -2.25
N ILE B 171 -1.28 17.38 -1.42
CA ILE B 171 -1.54 18.81 -1.28
C ILE B 171 -0.35 19.49 -0.64
N LEU B 172 0.19 18.88 0.41
CA LEU B 172 1.33 19.43 1.11
C LEU B 172 2.50 19.67 0.16
N GLU B 173 2.69 18.73 -0.76
CA GLU B 173 3.78 18.86 -1.71
C GLU B 173 3.47 19.94 -2.72
N LYS B 174 2.23 19.97 -3.19
CA LYS B 174 1.84 21.02 -4.13
C LYS B 174 2.02 22.41 -3.51
N CYS B 175 1.80 22.53 -2.20
CA CYS B 175 1.85 23.84 -1.55
C CYS B 175 3.26 24.23 -1.13
N THR B 176 4.25 23.40 -1.45
CA THR B 176 5.64 23.71 -1.16
C THR B 176 6.29 24.28 -2.40
N LEU B 177 5.69 24.03 -3.56
CA LEU B 177 6.09 24.63 -4.82
C LEU B 177 6.07 26.16 -4.75
N PRO B 178 6.93 26.82 -5.55
CA PRO B 178 6.99 28.30 -5.60
C PRO B 178 5.88 28.98 -6.42
N ASN B 179 5.32 28.28 -7.41
CA ASN B 179 4.29 28.86 -8.27
C ASN B 179 2.91 29.01 -7.60
N ILE B 180 2.91 29.25 -6.29
CA ILE B 180 1.71 29.22 -5.46
C ILE B 180 1.71 30.33 -4.41
N SER B 181 0.63 31.11 -4.37
CA SER B 181 0.51 32.21 -3.43
C SER B 181 0.08 31.73 -2.06
N ASN B 182 0.38 32.52 -1.04
CA ASN B 182 -0.07 32.22 0.31
C ASN B 182 -1.60 32.14 0.41
N GLU B 183 -2.28 32.84 -0.49
CA GLU B 183 -3.74 32.81 -0.54
C GLU B 183 -4.26 31.49 -1.10
N GLU B 184 -3.62 30.99 -2.16
CA GLU B 184 -3.98 29.68 -2.69
C GLU B 184 -3.65 28.61 -1.65
N LYS B 185 -2.54 28.80 -0.94
CA LYS B 185 -2.12 27.83 0.06
C LYS B 185 -3.19 27.69 1.13
N LYS B 186 -3.62 28.82 1.68
CA LYS B 186 -4.59 28.82 2.77
C LYS B 186 -5.90 28.09 2.37
N LYS B 187 -6.33 28.24 1.11
CA LYS B 187 -7.53 27.56 0.64
C LYS B 187 -7.31 26.07 0.40
N MET B 188 -6.13 25.71 -0.09
CA MET B 188 -5.87 24.32 -0.43
C MET B 188 -5.56 23.48 0.79
N LEU B 189 -5.06 24.09 1.86
CA LEU B 189 -4.62 23.31 3.01
C LEU B 189 -5.70 23.29 4.08
N HIS B 190 -6.92 23.51 3.66
CA HIS B 190 -8.02 23.39 4.59
C HIS B 190 -8.66 22.03 4.46
N VAL B 191 -8.75 21.32 5.57
CA VAL B 191 -9.34 20.00 5.57
C VAL B 191 -10.70 20.11 6.24
N ALA B 192 -11.74 19.72 5.53
CA ALA B 192 -13.09 19.74 6.07
C ALA B 192 -13.58 18.34 6.25
N VAL B 193 -14.07 18.03 7.45
CA VAL B 193 -14.64 16.72 7.73
C VAL B 193 -16.11 16.89 8.03
N VAL B 194 -16.95 16.27 7.21
CA VAL B 194 -18.39 16.39 7.40
C VAL B 194 -18.95 15.21 8.17
N GLY B 195 -19.44 15.48 9.37
CA GLY B 195 -19.93 14.43 10.25
C GLY B 195 -19.23 14.49 11.59
N GLY B 196 -20.02 14.63 12.66
CA GLY B 196 -19.47 14.69 14.00
C GLY B 196 -19.79 13.42 14.76
N GLY B 197 -20.08 12.36 14.02
CA GLY B 197 -20.20 11.05 14.61
C GLY B 197 -18.81 10.51 14.92
N PRO B 198 -18.74 9.27 15.38
CA PRO B 198 -17.41 8.78 15.75
C PRO B 198 -16.43 8.72 14.56
N THR B 199 -16.89 8.32 13.37
CA THR B 199 -16.00 8.29 12.19
C THR B 199 -15.39 9.67 11.89
N GLY B 200 -16.25 10.65 11.65
CA GLY B 200 -15.83 12.03 11.48
C GLY B 200 -14.90 12.50 12.59
N VAL B 201 -15.28 12.27 13.84
CA VAL B 201 -14.46 12.73 14.94
C VAL B 201 -13.08 12.06 14.95
N GLU B 202 -13.04 10.74 14.79
CA GLU B 202 -11.78 10.03 14.85
C GLU B 202 -10.85 10.40 13.69
N VAL B 203 -11.41 10.54 12.49
CA VAL B 203 -10.61 10.96 11.33
C VAL B 203 -10.04 12.38 11.50
N THR B 204 -10.84 13.27 12.08
CA THR B 204 -10.37 14.61 12.39
C THR B 204 -9.20 14.57 13.43
N ALA B 205 -9.39 13.80 14.51
CA ALA B 205 -8.37 13.64 15.53
C ALA B 205 -7.07 13.13 14.97
N GLU B 206 -7.16 12.09 14.16
CA GLU B 206 -5.95 11.50 13.62
C GLU B 206 -5.21 12.51 12.73
N PHE B 207 -5.93 13.21 11.85
CA PHE B 207 -5.29 14.24 11.04
C PHE B 207 -4.68 15.36 11.90
N ALA B 208 -5.33 15.68 13.01
CA ALA B 208 -4.83 16.74 13.85
C ALA B 208 -3.48 16.29 14.41
N ASP B 209 -3.41 15.07 14.91
CA ASP B 209 -2.15 14.54 15.43
C ASP B 209 -1.05 14.58 14.38
N PHE B 210 -1.38 14.15 13.18
CA PHE B 210 -0.41 14.09 12.10
C PHE B 210 0.09 15.51 11.77
N ILE B 211 -0.87 16.42 11.64
CA ILE B 211 -0.56 17.81 11.35
C ILE B 211 0.30 18.43 12.44
N ASN B 212 0.00 18.14 13.71
CA ASN B 212 0.71 18.79 14.81
C ASN B 212 2.06 18.17 15.13
N LYS B 213 2.33 17.02 14.54
CA LYS B 213 3.61 16.36 14.77
C LYS B 213 4.44 16.33 13.49
N GLU B 214 4.37 15.23 12.75
CA GLU B 214 5.21 15.02 11.59
C GLU B 214 5.08 16.13 10.54
N VAL B 215 3.87 16.59 10.27
CA VAL B 215 3.70 17.64 9.28
C VAL B 215 4.32 18.97 9.75
N LYS B 216 4.19 19.28 11.04
CA LYS B 216 4.77 20.51 11.59
C LYS B 216 6.31 20.54 11.49
N ILE B 217 6.93 19.40 11.73
CA ILE B 217 8.38 19.26 11.63
C ILE B 217 8.87 19.45 10.19
N ASN B 218 8.22 18.76 9.25
CA ASN B 218 8.71 18.64 7.89
C ASN B 218 8.15 19.67 6.92
N TYR B 219 7.18 20.45 7.37
CA TYR B 219 6.64 21.49 6.54
C TYR B 219 6.43 22.79 7.31
N LYS B 220 7.46 23.26 8.05
CA LYS B 220 7.35 24.49 8.85
C LYS B 220 6.83 25.68 8.04
N ASP B 221 7.27 25.78 6.79
CA ASP B 221 7.01 26.97 6.00
C ASP B 221 5.53 27.15 5.75
N ILE B 222 4.80 26.05 5.59
CA ILE B 222 3.38 26.14 5.23
C ILE B 222 2.44 25.68 6.34
N PHE B 223 2.99 25.20 7.45
CA PHE B 223 2.19 24.65 8.55
C PHE B 223 1.09 25.58 9.03
N ASN B 224 1.40 26.87 9.12
CA ASN B 224 0.46 27.85 9.62
C ASN B 224 -0.61 28.22 8.60
N PHE B 225 -0.53 27.64 7.41
CA PHE B 225 -1.59 27.81 6.44
C PHE B 225 -2.60 26.67 6.56
N ILE B 226 -2.26 25.65 7.34
CA ILE B 226 -3.12 24.49 7.50
C ILE B 226 -4.23 24.75 8.52
N SER B 227 -5.46 24.38 8.17
CA SER B 227 -6.55 24.34 9.13
C SER B 227 -7.43 23.09 8.97
N ILE B 228 -7.97 22.58 10.06
CA ILE B 228 -8.97 21.52 10.01
C ILE B 228 -10.33 21.99 10.49
N SER B 229 -11.38 21.71 9.74
CA SER B 229 -12.72 21.94 10.28
C SER B 229 -13.54 20.64 10.37
N ILE B 230 -14.29 20.47 11.44
CA ILE B 230 -15.28 19.42 11.49
C ILE B 230 -16.67 20.07 11.46
N ILE B 231 -17.57 19.52 10.65
CA ILE B 231 -18.91 20.10 10.51
C ILE B 231 -19.93 19.10 10.98
N GLU B 232 -20.86 19.56 11.82
CA GLU B 232 -21.88 18.70 12.38
C GLU B 232 -23.21 19.44 12.54
N GLY B 233 -24.30 18.86 12.04
CA GLY B 233 -25.60 19.51 12.10
C GLY B 233 -26.16 19.73 13.51
N GLY B 234 -26.03 18.72 14.37
CA GLY B 234 -26.48 18.88 15.74
C GLY B 234 -25.53 19.70 16.58
N ASN B 235 -25.86 19.85 17.86
CA ASN B 235 -25.05 20.70 18.71
C ASN B 235 -23.74 20.03 19.14
N ASN B 236 -23.75 18.71 19.20
CA ASN B 236 -22.64 17.98 19.79
C ASN B 236 -21.87 17.07 18.85
N LEU B 237 -20.56 17.03 19.05
CA LEU B 237 -19.73 15.97 18.53
C LEU B 237 -19.99 14.72 19.37
N LEU B 238 -20.04 13.56 18.71
CA LEU B 238 -20.37 12.30 19.37
C LEU B 238 -21.70 12.43 20.10
N PRO B 239 -22.78 12.75 19.34
CA PRO B 239 -24.12 12.91 19.89
C PRO B 239 -24.57 11.67 20.65
N THR B 240 -24.20 10.49 20.18
CA THR B 240 -24.80 9.30 20.75
C THR B 240 -23.99 8.79 21.96
N PHE B 241 -23.05 9.60 22.43
CA PHE B 241 -22.25 9.23 23.61
C PHE B 241 -22.83 9.78 24.92
N THR B 242 -22.15 10.75 25.53
CA THR B 242 -22.56 11.41 26.78
C THR B 242 -22.31 12.90 26.65
N GLN B 243 -23.11 13.70 27.34
CA GLN B 243 -22.95 15.13 27.21
C GLN B 243 -21.57 15.56 27.72
N ASN B 244 -21.07 14.91 28.77
CA ASN B 244 -19.75 15.23 29.26
C ASN B 244 -18.69 14.86 28.24
N ILE B 245 -18.87 13.72 27.57
CA ILE B 245 -17.90 13.28 26.57
C ILE B 245 -17.96 14.21 25.34
N SER B 246 -19.16 14.67 25.00
CA SER B 246 -19.32 15.60 23.88
C SER B 246 -18.67 16.95 24.17
N ASP B 247 -18.85 17.43 25.39
CA ASP B 247 -18.27 18.72 25.76
C ASP B 247 -16.76 18.60 25.80
N PHE B 248 -16.26 17.50 26.37
CA PHE B 248 -14.82 17.25 26.44
C PHE B 248 -14.20 17.09 25.05
N THR B 249 -14.93 16.46 24.13
CA THR B 249 -14.39 16.27 22.79
C THR B 249 -14.29 17.63 22.09
N LYS B 250 -15.27 18.50 22.31
CA LYS B 250 -15.26 19.82 21.69
C LYS B 250 -14.16 20.71 22.29
N GLU B 251 -13.98 20.62 23.61
CA GLU B 251 -12.90 21.36 24.30
C GLU B 251 -11.54 20.95 23.79
N ASN B 252 -11.33 19.64 23.67
CA ASN B 252 -10.07 19.09 23.22
C ASN B 252 -9.82 19.48 21.77
N PHE B 253 -10.89 19.58 21.00
CA PHE B 253 -10.73 19.99 19.62
C PHE B 253 -10.31 21.45 19.53
N HIS B 254 -10.82 22.32 20.39
CA HIS B 254 -10.37 23.71 20.31
C HIS B 254 -8.90 23.86 20.72
N ASN B 255 -8.47 23.10 21.74
CA ASN B 255 -7.08 23.15 22.16
C ASN B 255 -6.12 22.77 21.03
N LEU B 256 -6.65 22.07 20.03
CA LEU B 256 -5.84 21.63 18.91
C LEU B 256 -6.05 22.54 17.70
N ASN B 257 -6.85 23.58 17.90
CA ASN B 257 -7.16 24.55 16.85
C ASN B 257 -7.86 23.91 15.68
N ILE B 258 -8.75 22.99 16.01
CA ILE B 258 -9.72 22.49 15.04
C ILE B 258 -10.97 23.38 15.10
N ASN B 259 -11.39 23.90 13.95
CA ASN B 259 -12.62 24.65 13.90
C ASN B 259 -13.80 23.74 14.05
N VAL B 260 -14.50 23.83 15.18
CA VAL B 260 -15.65 22.98 15.39
C VAL B 260 -16.93 23.68 14.97
N LEU B 261 -17.45 23.28 13.81
CA LEU B 261 -18.62 23.93 13.25
C LEU B 261 -19.81 23.04 13.47
N THR B 262 -20.14 22.83 14.74
CA THR B 262 -21.41 22.20 15.11
C THR B 262 -22.57 23.15 14.79
N ASN B 263 -23.77 22.59 14.75
CA ASN B 263 -24.97 23.32 14.32
C ASN B 263 -24.88 23.89 12.91
N TYR B 264 -24.10 23.23 12.06
CA TYR B 264 -24.04 23.56 10.65
C TYR B 264 -24.22 22.31 9.84
N TYR B 265 -25.00 22.35 8.77
CA TYR B 265 -24.89 21.23 7.86
C TYR B 265 -24.53 21.68 6.46
N VAL B 266 -23.82 20.81 5.77
CA VAL B 266 -23.40 21.04 4.40
C VAL B 266 -24.58 20.77 3.47
N ILE B 267 -24.82 21.65 2.51
CA ILE B 267 -25.98 21.55 1.63
C ILE B 267 -25.62 21.52 0.15
N ASP B 268 -24.36 21.79 -0.16
CA ASP B 268 -23.91 21.78 -1.54
C ASP B 268 -22.40 21.67 -1.58
N VAL B 269 -21.86 21.08 -2.64
CA VAL B 269 -20.42 20.89 -2.78
C VAL B 269 -19.96 21.19 -4.21
N ASP B 270 -19.01 22.12 -4.35
CA ASP B 270 -18.40 22.42 -5.65
C ASP B 270 -16.89 22.03 -5.66
N LYS B 271 -16.17 22.28 -6.75
CA LYS B 271 -14.80 21.78 -6.85
C LYS B 271 -13.84 22.40 -5.86
N HIS B 272 -14.04 23.66 -5.50
CA HIS B 272 -13.09 24.33 -4.61
C HIS B 272 -13.74 24.91 -3.36
N SER B 273 -15.06 24.84 -3.27
CA SER B 273 -15.78 25.39 -2.12
C SER B 273 -17.02 24.58 -1.81
N PHE B 274 -17.46 24.57 -0.55
CA PHE B 274 -18.75 23.96 -0.23
C PHE B 274 -19.61 24.96 0.55
N HIS B 275 -20.92 24.68 0.66
CA HIS B 275 -21.83 25.59 1.32
C HIS B 275 -22.42 24.98 2.58
N ILE B 276 -22.51 25.76 3.64
CA ILE B 276 -23.15 25.28 4.86
C ILE B 276 -24.27 26.18 5.32
N GLN B 277 -25.22 25.59 6.03
CA GLN B 277 -26.39 26.29 6.53
C GLN B 277 -26.46 26.16 8.07
N SER B 278 -26.65 27.27 8.75
CA SER B 278 -26.83 27.22 10.20
C SER B 278 -28.07 26.42 10.59
N SER B 279 -27.93 25.64 11.66
CA SER B 279 -29.02 24.87 12.25
C SER B 279 -29.83 25.71 13.21
N LEU B 280 -29.34 26.91 13.48
CA LEU B 280 -29.92 27.77 14.50
C LEU B 280 -30.56 29.02 13.90
N ASN B 281 -30.13 29.35 12.70
CA ASN B 281 -30.77 30.39 11.92
C ASN B 281 -30.91 29.91 10.48
N LYS B 282 -32.14 29.70 10.03
CA LYS B 282 -32.35 29.14 8.69
C LYS B 282 -31.68 29.98 7.58
N ASN B 283 -31.32 31.24 7.84
CA ASN B 283 -30.94 32.02 6.67
C ASN B 283 -29.48 32.41 6.76
N GLU B 284 -28.79 31.92 7.78
CA GLU B 284 -27.35 32.09 7.78
C GLU B 284 -26.69 30.98 6.95
N LYS B 285 -25.97 31.42 5.92
CA LYS B 285 -25.22 30.51 5.09
C LYS B 285 -23.78 30.99 5.00
N LYS B 286 -22.88 30.09 4.62
CA LYS B 286 -21.48 30.46 4.45
C LYS B 286 -20.95 29.64 3.29
N LYS B 287 -20.03 30.24 2.54
CA LYS B 287 -19.28 29.54 1.53
C LYS B 287 -17.89 29.32 2.11
N LEU B 288 -17.41 28.08 2.14
CA LEU B 288 -16.06 27.81 2.63
C LEU B 288 -15.19 27.18 1.54
N SER B 289 -13.97 27.71 1.40
CA SER B 289 -12.94 27.07 0.58
C SER B 289 -12.38 25.82 1.26
N TYR B 290 -11.91 24.87 0.45
CA TYR B 290 -11.31 23.64 0.98
C TYR B 290 -10.36 23.00 -0.05
N GLY B 291 -9.40 22.24 0.46
CA GLY B 291 -8.56 21.40 -0.37
C GLY B 291 -8.99 19.94 -0.32
N LEU B 292 -9.34 19.47 0.88
CA LEU B 292 -9.66 18.08 1.08
C LEU B 292 -10.98 17.99 1.81
N LEU B 293 -11.95 17.29 1.20
CA LEU B 293 -13.27 17.15 1.81
C LEU B 293 -13.58 15.70 2.12
N ILE B 294 -13.70 15.40 3.41
CA ILE B 294 -13.99 14.05 3.87
C ILE B 294 -15.45 13.94 4.31
N TRP B 295 -16.16 12.95 3.79
CA TRP B 295 -17.62 12.81 4.04
C TRP B 295 -17.94 11.60 4.91
N ALA B 296 -18.36 11.84 6.15
CA ALA B 296 -18.69 10.77 7.08
C ALA B 296 -20.05 11.00 7.71
N SER B 297 -21.10 10.84 6.92
CA SER B 297 -22.41 11.40 7.25
C SER B 297 -23.43 10.40 7.71
N GLY B 298 -23.11 9.12 7.56
CA GLY B 298 -24.00 8.06 7.99
C GLY B 298 -24.38 7.18 6.82
N LEU B 299 -25.30 6.24 7.06
CA LEU B 299 -25.50 5.11 6.16
C LEU B 299 -26.60 5.28 5.12
N ALA B 300 -26.47 4.52 4.05
CA ALA B 300 -27.47 4.38 2.99
C ALA B 300 -27.47 2.93 2.50
N GLN B 301 -28.48 2.49 1.78
CA GLN B 301 -28.53 1.07 1.40
C GLN B 301 -27.88 0.79 0.05
N THR B 302 -27.34 -0.42 -0.09
CA THR B 302 -26.71 -0.85 -1.33
C THR B 302 -27.75 -0.99 -2.40
N THR B 303 -27.32 -1.00 -3.65
CA THR B 303 -28.25 -1.14 -4.75
C THR B 303 -28.82 -2.56 -4.70
N LEU B 304 -28.02 -3.52 -4.26
CA LEU B 304 -28.52 -4.90 -4.16
C LEU B 304 -29.74 -4.96 -3.26
N ILE B 305 -29.69 -4.28 -2.11
CA ILE B 305 -30.79 -4.30 -1.16
C ILE B 305 -32.02 -3.56 -1.71
N GLN B 306 -31.80 -2.41 -2.33
CA GLN B 306 -32.89 -1.71 -2.99
C GLN B 306 -33.61 -2.61 -4.00
N LYS B 307 -32.83 -3.30 -4.84
CA LYS B 307 -33.38 -4.23 -5.85
C LYS B 307 -34.15 -5.37 -5.22
N PHE B 308 -33.52 -6.02 -4.25
CA PHE B 308 -34.07 -7.20 -3.62
C PHE B 308 -35.40 -6.90 -2.95
N LEU B 309 -35.50 -5.73 -2.32
CA LEU B 309 -36.74 -5.30 -1.67
C LEU B 309 -37.95 -5.28 -2.61
N LYS B 310 -37.74 -4.76 -3.82
CA LYS B 310 -38.82 -4.62 -4.80
C LYS B 310 -39.34 -5.98 -5.24
N THR B 311 -38.56 -7.00 -4.92
CA THR B 311 -38.82 -8.37 -5.30
C THR B 311 -39.70 -9.07 -4.25
N ILE B 312 -39.82 -8.44 -3.09
CA ILE B 312 -40.60 -9.00 -1.98
C ILE B 312 -41.88 -8.21 -1.77
N PRO B 313 -43.04 -8.81 -2.13
CA PRO B 313 -44.35 -8.15 -2.09
C PRO B 313 -44.59 -7.35 -0.82
N VAL B 314 -44.44 -8.00 0.34
CA VAL B 314 -44.73 -7.33 1.60
C VAL B 314 -43.69 -6.26 1.96
N GLN B 315 -42.52 -6.28 1.32
CA GLN B 315 -41.49 -5.28 1.61
C GLN B 315 -41.21 -4.28 0.48
N ALA B 316 -42.04 -4.29 -0.55
CA ALA B 316 -41.72 -3.59 -1.79
C ALA B 316 -41.48 -2.06 -1.67
N ASN B 317 -42.05 -1.42 -0.65
CA ASN B 317 -41.86 0.03 -0.51
C ASN B 317 -41.05 0.40 0.72
N ASN B 318 -40.40 -0.58 1.32
CA ASN B 318 -39.50 -0.37 2.44
C ASN B 318 -38.21 0.34 1.99
N ALA B 319 -37.60 1.07 2.91
CA ALA B 319 -36.30 1.69 2.66
C ALA B 319 -35.19 0.80 3.23
N ILE B 320 -35.59 -0.15 4.06
CA ILE B 320 -34.63 -1.00 4.75
C ILE B 320 -35.18 -2.43 4.82
N LEU B 321 -34.29 -3.41 4.75
CA LEU B 321 -34.64 -4.83 4.79
C LEU B 321 -35.02 -5.30 6.21
N LYS B 322 -36.25 -5.75 6.40
CA LYS B 322 -36.72 -6.19 7.74
C LYS B 322 -36.60 -7.69 7.93
N VAL B 323 -36.14 -8.11 9.10
CA VAL B 323 -36.00 -9.53 9.43
C VAL B 323 -36.83 -9.91 10.66
N ASP B 324 -37.16 -11.19 10.78
CA ASP B 324 -37.69 -11.83 12.00
C ASP B 324 -36.91 -11.46 13.26
N GLU B 325 -37.48 -11.78 14.42
CA GLU B 325 -36.70 -11.78 15.64
C GLU B 325 -35.63 -12.86 15.61
N LYS B 326 -35.64 -13.69 14.56
CA LYS B 326 -34.68 -14.79 14.44
C LYS B 326 -33.75 -14.56 13.24
N LEU B 327 -33.86 -13.34 12.70
CA LEU B 327 -32.99 -12.80 11.63
C LEU B 327 -33.34 -13.39 10.27
N ARG B 328 -34.53 -13.99 10.16
CA ARG B 328 -35.03 -14.44 8.86
C ARG B 328 -35.68 -13.29 8.14
N VAL B 329 -35.32 -13.09 6.88
CA VAL B 329 -35.89 -12.03 6.07
C VAL B 329 -37.40 -12.24 5.95
N ILE B 330 -38.18 -11.24 6.27
CA ILE B 330 -39.64 -11.36 6.26
C ILE B 330 -40.18 -11.37 4.82
N GLY B 331 -41.20 -12.20 4.57
CA GLY B 331 -41.88 -12.21 3.29
C GLY B 331 -41.33 -13.26 2.35
N ILE B 332 -40.57 -14.19 2.92
CA ILE B 332 -39.97 -15.28 2.14
C ILE B 332 -40.60 -16.59 2.59
N PRO B 333 -41.45 -17.18 1.73
CA PRO B 333 -42.13 -18.45 1.99
C PRO B 333 -41.18 -19.51 2.54
N SER B 334 -39.97 -19.62 2.00
CA SER B 334 -39.05 -20.69 2.41
C SER B 334 -38.32 -20.50 3.76
N ASN B 335 -38.32 -19.27 4.30
CA ASN B 335 -37.52 -18.93 5.49
C ASN B 335 -36.07 -19.37 5.41
N ASN B 336 -35.48 -19.31 4.22
CA ASN B 336 -34.11 -19.77 4.02
C ASN B 336 -33.15 -18.60 3.72
N ILE B 337 -33.65 -17.38 3.78
CA ILE B 337 -32.79 -16.21 3.65
C ILE B 337 -32.71 -15.45 4.96
N TYR B 338 -31.49 -15.24 5.44
CA TYR B 338 -31.24 -14.41 6.62
C TYR B 338 -30.56 -13.09 6.22
N ALA B 339 -30.60 -12.09 7.11
CA ALA B 339 -29.72 -10.91 6.95
C ALA B 339 -29.17 -10.46 8.29
N ILE B 340 -27.90 -10.11 8.30
CA ILE B 340 -27.28 -9.61 9.52
C ILE B 340 -26.55 -8.28 9.23
N GLY B 341 -26.22 -7.54 10.27
CA GLY B 341 -25.47 -6.30 10.11
C GLY B 341 -26.28 -5.10 9.66
N ASP B 342 -25.56 -4.12 9.10
CA ASP B 342 -26.11 -2.82 8.70
C ASP B 342 -27.19 -2.84 7.60
N CYS B 343 -27.33 -3.93 6.86
CA CYS B 343 -28.28 -3.94 5.75
C CYS B 343 -29.72 -4.26 6.20
N LYS B 344 -29.91 -4.44 7.50
CA LYS B 344 -31.19 -4.91 8.03
C LYS B 344 -31.68 -4.16 9.30
N LYS B 345 -32.99 -4.19 9.55
CA LYS B 345 -33.54 -3.84 10.86
C LYS B 345 -34.37 -5.04 11.31
N ILE B 346 -34.51 -5.23 12.62
CA ILE B 346 -35.34 -6.34 13.14
C ILE B 346 -36.78 -5.87 13.39
N GLN B 347 -37.74 -6.65 12.90
CA GLN B 347 -39.15 -6.42 13.17
C GLN B 347 -39.71 -7.64 13.87
N PRO B 348 -39.64 -7.65 15.22
CA PRO B 348 -39.95 -8.88 15.95
C PRO B 348 -41.43 -9.23 15.95
N LYS B 349 -41.68 -10.49 16.30
CA LYS B 349 -43.03 -11.00 16.53
C LYS B 349 -43.72 -10.08 17.52
N LEU B 350 -44.90 -9.58 17.14
CA LEU B 350 -45.66 -8.63 17.94
C LEU B 350 -46.32 -9.21 19.21
N LEU B 351 -45.99 -8.65 20.38
CA LEU B 351 -46.62 -9.05 21.64
C LEU B 351 -48.15 -8.92 21.63
N HIS B 352 -48.66 -7.83 21.08
CA HIS B 352 -50.10 -7.58 21.13
C HIS B 352 -50.88 -8.48 20.18
N GLU B 353 -50.17 -9.20 19.31
CA GLU B 353 -50.83 -10.19 18.47
C GLU B 353 -50.93 -11.51 19.22
N HIS B 354 -50.31 -11.57 20.40
CA HIS B 354 -50.26 -12.80 21.18
C HIS B 354 -50.66 -12.56 22.63
N THR B 355 -51.56 -11.60 22.81
CA THR B 355 -52.01 -11.18 24.12
C THR B 355 -52.52 -12.34 24.97
N ASN B 356 -53.65 -12.92 24.54
CA ASN B 356 -54.32 -13.99 25.28
C ASN B 356 -53.36 -15.10 25.72
N GLU B 357 -52.50 -15.49 24.79
CA GLU B 357 -51.50 -16.52 25.06
C GLU B 357 -50.58 -16.08 26.20
N ILE B 358 -50.11 -14.83 26.16
CA ILE B 358 -49.20 -14.34 27.19
C ILE B 358 -49.88 -14.23 28.55
N ILE B 359 -51.12 -13.77 28.57
CA ILE B 359 -51.92 -13.76 29.78
C ILE B 359 -51.94 -15.13 30.44
N LYS B 360 -52.11 -16.16 29.59
CA LYS B 360 -52.21 -17.55 30.03
C LYS B 360 -50.91 -18.05 30.70
N ILE B 361 -49.78 -17.47 30.31
CA ILE B 361 -48.47 -17.84 30.90
C ILE B 361 -48.33 -17.36 32.36
N LEU B 362 -49.00 -16.26 32.70
CA LEU B 362 -48.77 -15.57 33.97
C LEU B 362 -49.52 -16.18 35.15
N LYS B 366 -52.09 -10.18 40.08
CA LYS B 366 -52.58 -10.87 38.89
C LYS B 366 -52.86 -9.86 37.76
N LEU B 367 -51.97 -9.88 36.76
CA LEU B 367 -52.04 -9.14 35.49
C LEU B 367 -51.53 -7.70 35.63
N THR B 368 -50.34 -7.61 36.21
CA THR B 368 -49.62 -6.37 36.36
C THR B 368 -48.38 -6.38 35.47
N SER B 369 -47.74 -5.22 35.33
CA SER B 369 -46.44 -5.15 34.67
C SER B 369 -45.44 -6.03 35.43
N GLU B 370 -45.55 -6.03 36.74
CA GLU B 370 -44.66 -6.84 37.56
C GLU B 370 -44.90 -8.33 37.31
N ALA B 371 -46.15 -8.68 36.99
CA ALA B 371 -46.43 -10.06 36.64
C ALA B 371 -45.63 -10.40 35.39
N LEU B 372 -45.77 -9.53 34.38
CA LEU B 372 -45.07 -9.67 33.11
C LEU B 372 -43.56 -9.73 33.29
N LYS B 373 -43.02 -8.77 34.02
CA LYS B 373 -41.58 -8.74 34.26
C LYS B 373 -41.10 -10.01 34.94
N LEU B 374 -41.96 -10.60 35.76
CA LEU B 374 -41.56 -11.75 36.56
C LEU B 374 -41.27 -12.92 35.63
N LYS B 375 -41.93 -12.94 34.47
CA LYS B 375 -41.75 -14.00 33.46
C LYS B 375 -40.87 -13.52 32.30
N GLN B 376 -40.11 -12.48 32.53
CA GLN B 376 -39.45 -11.80 31.42
C GLN B 376 -38.29 -12.63 30.88
N SER B 377 -37.55 -13.33 31.73
CA SER B 377 -36.43 -14.15 31.26
C SER B 377 -36.87 -15.21 30.25
N GLU B 378 -38.04 -15.78 30.42
CA GLU B 378 -38.44 -16.91 29.58
C GLU B 378 -39.20 -16.42 28.35
N LEU B 379 -39.93 -15.34 28.52
CA LEU B 379 -40.71 -14.79 27.42
C LEU B 379 -39.80 -14.01 26.48
N THR B 380 -38.60 -13.71 26.97
CA THR B 380 -37.65 -12.92 26.20
C THR B 380 -37.00 -13.79 25.12
N LYS B 381 -37.08 -15.10 25.27
CA LYS B 381 -36.58 -16.03 24.26
C LYS B 381 -37.46 -15.98 23.03
N THR B 382 -38.70 -15.52 23.22
CA THR B 382 -39.60 -15.36 22.08
C THR B 382 -39.65 -13.91 21.63
N PHE B 383 -39.84 -13.00 22.57
CA PHE B 383 -39.91 -11.58 22.23
C PHE B 383 -38.72 -10.80 22.78
N PRO B 384 -37.88 -10.28 21.88
CA PRO B 384 -36.73 -9.55 22.41
C PRO B 384 -37.12 -8.18 22.96
N GLN B 385 -38.28 -7.67 22.60
CA GLN B 385 -38.68 -6.36 23.09
C GLN B 385 -38.97 -6.41 24.59
N LEU B 386 -39.21 -7.60 25.13
CA LEU B 386 -39.44 -7.75 26.56
C LEU B 386 -38.18 -7.64 27.40
N SER B 387 -37.02 -7.63 26.73
CA SER B 387 -35.74 -7.62 27.42
C SER B 387 -35.62 -6.42 28.37
N ILE B 388 -34.94 -6.59 29.51
CA ILE B 388 -34.79 -5.47 30.43
C ILE B 388 -33.89 -4.40 29.81
N SER B 389 -33.13 -4.80 28.79
CA SER B 389 -32.33 -3.88 28.02
C SER B 389 -33.12 -3.23 26.88
N LYS B 390 -34.39 -3.57 26.73
CA LYS B 390 -35.18 -2.99 25.65
C LYS B 390 -36.39 -2.24 26.17
N TRP B 391 -36.78 -2.54 27.40
CA TRP B 391 -37.97 -1.98 28.00
C TRP B 391 -37.71 -1.60 29.44
N ASP B 392 -37.99 -0.35 29.81
CA ASP B 392 -37.77 0.07 31.18
C ASP B 392 -38.99 -0.31 32.04
N TYR B 393 -38.88 -1.43 32.75
CA TYR B 393 -40.00 -1.92 33.56
C TYR B 393 -40.39 -1.03 34.77
N GLU B 394 -39.42 -0.32 35.35
CA GLU B 394 -39.73 0.48 36.52
C GLU B 394 -40.18 1.88 36.13
N LYS B 395 -39.58 2.45 35.09
CA LYS B 395 -40.08 3.72 34.57
C LYS B 395 -41.42 3.55 33.84
N ASN B 396 -41.94 2.33 33.81
CA ASN B 396 -43.21 2.02 33.14
C ASN B 396 -44.04 1.00 33.91
N LYS B 397 -44.04 1.09 35.23
CA LYS B 397 -44.81 0.12 36.01
C LYS B 397 -46.29 0.45 35.85
N LYS B 398 -47.11 -0.59 35.76
CA LYS B 398 -48.56 -0.37 35.75
C LYS B 398 -49.29 -1.39 36.63
N GLY B 399 -50.28 -0.88 37.35
CA GLY B 399 -51.07 -1.71 38.24
C GLY B 399 -51.94 -2.67 37.46
N GLU B 400 -52.86 -3.35 38.16
CA GLU B 400 -53.65 -4.40 37.53
C GLU B 400 -54.43 -3.89 36.32
N MET B 401 -54.33 -4.64 35.23
CA MET B 401 -54.96 -4.25 33.98
C MET B 401 -56.08 -5.18 33.54
N THR B 402 -57.09 -4.61 32.90
CA THR B 402 -58.02 -5.42 32.16
C THR B 402 -57.29 -5.93 30.92
N PRO B 403 -57.65 -7.14 30.44
CA PRO B 403 -57.13 -7.72 29.20
C PRO B 403 -56.91 -6.70 28.07
N GLN B 404 -57.92 -5.89 27.77
CA GLN B 404 -57.76 -4.85 26.76
C GLN B 404 -56.60 -3.92 27.10
N GLN B 405 -56.58 -3.45 28.35
CA GLN B 405 -55.54 -2.55 28.81
C GLN B 405 -54.15 -3.19 28.70
N PHE B 406 -54.07 -4.46 29.10
CA PHE B 406 -52.84 -5.23 28.96
C PHE B 406 -52.42 -5.32 27.51
N HIS B 407 -53.40 -5.50 26.64
CA HIS B 407 -53.14 -5.58 25.21
C HIS B 407 -52.50 -4.27 24.74
N ASP B 408 -53.06 -3.14 25.18
CA ASP B 408 -52.49 -1.82 24.88
C ASP B 408 -51.07 -1.65 25.44
N TYR B 409 -50.85 -2.14 26.64
CA TYR B 409 -49.54 -2.12 27.27
C TYR B 409 -48.54 -2.88 26.42
N LEU B 410 -48.86 -4.14 26.11
CA LEU B 410 -48.04 -4.99 25.26
C LEU B 410 -47.65 -4.31 23.95
N PHE B 411 -48.65 -3.64 23.37
CA PHE B 411 -48.52 -2.86 22.15
C PHE B 411 -47.47 -1.74 22.30
N GLU B 412 -47.45 -1.06 23.45
CA GLU B 412 -46.44 -0.04 23.71
C GLU B 412 -45.03 -0.65 23.70
N ILE B 413 -44.89 -1.84 24.28
CA ILE B 413 -43.59 -2.50 24.28
C ILE B 413 -43.16 -2.81 22.84
N ASP B 414 -44.09 -3.31 22.04
CA ASP B 414 -43.84 -3.57 20.64
C ASP B 414 -43.31 -2.34 19.92
N LYS B 415 -44.01 -1.21 20.05
CA LYS B 415 -43.62 0.01 19.36
C LYS B 415 -42.35 0.63 19.92
N ASN B 416 -42.00 0.26 21.14
CA ASN B 416 -40.81 0.82 21.73
C ASN B 416 -39.56 0.12 21.25
N TYR B 417 -39.71 -1.07 20.66
CA TYR B 417 -38.55 -1.88 20.31
C TYR B 417 -37.64 -1.15 19.32
N LYS B 418 -36.35 -1.16 19.62
CA LYS B 418 -35.34 -0.60 18.72
C LYS B 418 -34.48 -1.73 18.19
N SER B 419 -34.31 -1.78 16.87
CA SER B 419 -33.43 -2.73 16.22
C SER B 419 -32.00 -2.43 16.66
N PRO B 420 -31.11 -3.43 16.67
CA PRO B 420 -29.70 -3.17 16.98
C PRO B 420 -29.10 -2.01 16.17
N THR B 421 -28.27 -1.20 16.81
CA THR B 421 -27.70 -0.03 16.15
C THR B 421 -26.71 -0.54 15.10
N PRO B 422 -26.47 0.23 14.03
CA PRO B 422 -25.61 -0.38 13.01
C PRO B 422 -24.15 -0.29 13.40
N THR B 423 -23.69 -1.25 14.20
CA THR B 423 -22.31 -1.26 14.66
C THR B 423 -21.64 -2.59 14.38
N ALA B 424 -20.31 -2.59 14.47
CA ALA B 424 -19.50 -3.80 14.31
C ALA B 424 -19.79 -4.76 15.46
N GLN B 425 -19.84 -4.21 16.66
CA GLN B 425 -20.22 -4.97 17.84
C GLN B 425 -21.51 -5.79 17.63
N ASN B 426 -22.54 -5.15 17.08
CA ASN B 426 -23.79 -5.87 16.83
C ASN B 426 -23.69 -6.87 15.66
N ALA B 427 -23.02 -6.46 14.59
CA ALA B 427 -22.87 -7.36 13.45
C ALA B 427 -22.11 -8.61 13.89
N LYS B 428 -21.09 -8.44 14.73
CA LYS B 428 -20.35 -9.59 15.22
C LYS B 428 -21.24 -10.48 16.09
N GLN B 429 -21.96 -9.88 17.04
CA GLN B 429 -22.81 -10.64 17.94
C GLN B 429 -23.90 -11.34 17.15
N GLU B 430 -24.50 -10.66 16.18
CA GLU B 430 -25.47 -11.32 15.32
C GLU B 430 -24.86 -12.50 14.55
N ALA B 431 -23.66 -12.32 14.03
CA ALA B 431 -23.01 -13.39 13.28
C ALA B 431 -22.70 -14.60 14.18
N TYR B 432 -22.36 -14.36 15.44
CA TYR B 432 -22.05 -15.50 16.30
C TYR B 432 -23.36 -16.20 16.72
N TYR B 433 -24.40 -15.43 16.95
CA TYR B 433 -25.69 -15.98 17.30
C TYR B 433 -26.17 -16.89 16.16
N LEU B 434 -26.22 -16.35 14.96
CA LEU B 434 -26.82 -17.06 13.85
C LEU B 434 -26.01 -18.28 13.45
N SER B 435 -24.69 -18.18 13.49
CA SER B 435 -23.88 -19.33 13.11
C SER B 435 -24.07 -20.42 14.15
N ASN B 436 -24.21 -20.03 15.40
CA ASN B 436 -24.45 -20.97 16.49
C ASN B 436 -25.82 -21.64 16.38
N VAL B 437 -26.80 -20.92 15.84
CA VAL B 437 -28.10 -21.52 15.58
C VAL B 437 -28.02 -22.59 14.49
N PHE B 438 -27.29 -22.31 13.43
CA PHE B 438 -27.06 -23.31 12.38
C PHE B 438 -26.25 -24.51 12.87
N ASN B 439 -25.32 -24.26 13.79
CA ASN B 439 -24.40 -25.29 14.28
C ASN B 439 -25.06 -26.23 15.28
N ASN B 440 -25.91 -25.68 16.13
CA ASN B 440 -26.39 -26.42 17.29
C ASN B 440 -27.91 -26.47 17.43
N PHE B 441 -28.63 -25.91 16.46
CA PHE B 441 -30.08 -25.91 16.53
C PHE B 441 -30.76 -26.45 15.28
N ILE B 442 -30.38 -25.93 14.11
CA ILE B 442 -31.11 -26.23 12.88
C ILE B 442 -31.22 -27.71 12.54
N HIS B 443 -30.15 -28.49 12.70
CA HIS B 443 -30.24 -29.93 12.36
C HIS B 443 -29.99 -30.85 13.55
N THR B 444 -30.66 -30.51 14.64
CA THR B 444 -30.56 -31.21 15.91
C THR B 444 -31.97 -31.36 16.49
N ASN B 445 -32.08 -31.85 17.73
CA ASN B 445 -33.39 -32.01 18.37
C ASN B 445 -33.84 -30.72 19.05
N GLN B 446 -33.10 -29.65 18.81
CA GLN B 446 -33.41 -28.34 19.38
C GLN B 446 -34.00 -27.38 18.34
N LYS B 447 -34.43 -27.88 17.18
CA LYS B 447 -35.00 -27.09 16.06
C LYS B 447 -35.99 -25.99 16.45
N PHE B 448 -36.64 -26.13 17.61
CA PHE B 448 -37.87 -25.41 17.93
C PHE B 448 -37.64 -24.48 19.10
N ASN B 449 -36.49 -24.64 19.75
CA ASN B 449 -36.12 -23.80 20.87
C ASN B 449 -35.08 -22.76 20.49
N ILE B 450 -35.09 -22.35 19.24
CA ILE B 450 -34.22 -21.28 18.80
C ILE B 450 -34.68 -19.98 19.45
N PRO B 451 -33.84 -19.41 20.32
CA PRO B 451 -34.16 -18.15 20.99
C PRO B 451 -34.01 -16.96 20.06
N SER B 452 -34.74 -15.88 20.32
CA SER B 452 -34.60 -14.66 19.55
C SER B 452 -33.27 -13.98 19.90
N PHE B 453 -32.74 -13.19 18.96
CA PHE B 453 -31.47 -12.48 19.16
C PHE B 453 -31.60 -11.22 20.01
N ILE B 454 -30.76 -11.10 21.04
CA ILE B 454 -30.70 -9.89 21.87
C ILE B 454 -29.26 -9.41 22.08
N GLU B 455 -28.93 -8.20 21.58
CA GLU B 455 -27.58 -7.66 21.77
C GLU B 455 -27.29 -7.47 23.24
N LYS B 456 -26.01 -7.52 23.56
CA LYS B 456 -25.52 -7.05 24.82
C LYS B 456 -24.58 -5.90 24.50
N TRP B 457 -24.95 -4.68 24.90
CA TRP B 457 -24.09 -3.50 24.71
C TRP B 457 -22.86 -3.55 25.61
N LYS B 458 -21.68 -3.40 25.02
CA LYS B 458 -20.43 -3.48 25.77
C LYS B 458 -19.73 -2.13 25.91
N GLY B 459 -20.26 -1.09 25.28
CA GLY B 459 -19.67 0.23 25.37
C GLY B 459 -19.12 0.72 24.05
N SER B 460 -18.59 1.94 24.03
CA SER B 460 -18.03 2.51 22.82
C SER B 460 -16.79 3.33 23.15
N LEU B 461 -15.79 3.32 22.26
CA LEU B 461 -14.59 4.12 22.46
C LEU B 461 -14.36 5.06 21.28
N ALA B 462 -13.66 6.15 21.54
CA ALA B 462 -13.28 7.05 20.48
C ALA B 462 -11.94 7.71 20.78
N TYR B 463 -11.04 7.72 19.81
CA TYR B 463 -9.85 8.56 19.92
C TYR B 463 -10.18 9.99 19.49
N ILE B 464 -9.87 10.97 20.33
CA ILE B 464 -10.20 12.36 20.01
C ILE B 464 -8.97 13.29 19.96
N GLY B 465 -7.80 12.71 19.66
CA GLY B 465 -6.61 13.49 19.43
C GLY B 465 -5.80 13.80 20.67
N ASN B 466 -4.51 14.03 20.44
CA ASN B 466 -3.58 14.44 21.49
C ASN B 466 -3.57 13.49 22.69
N HIS B 467 -3.68 12.19 22.40
CA HIS B 467 -3.60 11.09 23.36
C HIS B 467 -4.85 10.87 24.17
N GLN B 468 -5.87 11.68 23.94
CA GLN B 468 -7.11 11.57 24.72
C GLN B 468 -8.09 10.54 24.12
N VAL B 469 -8.42 9.54 24.92
CA VAL B 469 -9.43 8.57 24.56
C VAL B 469 -10.70 8.83 25.37
N VAL B 470 -11.86 8.72 24.74
CA VAL B 470 -13.11 8.76 25.48
C VAL B 470 -13.81 7.41 25.39
N ALA B 471 -14.50 7.04 26.44
CA ALA B 471 -15.28 5.82 26.38
C ALA B 471 -16.56 5.97 27.18
N ASP B 472 -17.59 5.43 26.59
CA ASP B 472 -18.91 5.46 27.16
C ASP B 472 -19.29 4.00 27.37
N LEU B 473 -18.87 3.44 28.50
CA LEU B 473 -19.16 2.06 28.84
C LEU B 473 -20.39 1.94 29.72
N PRO B 474 -20.93 0.73 29.88
CA PRO B 474 -21.93 0.59 30.97
C PRO B 474 -21.21 0.81 32.27
N TYR B 475 -21.80 1.59 33.18
CA TYR B 475 -21.19 1.83 34.50
C TYR B 475 -19.91 2.70 34.54
N TYR B 476 -19.36 3.12 33.39
CA TYR B 476 -18.15 3.99 33.37
C TYR B 476 -18.22 5.03 32.27
N GLU B 477 -17.53 6.15 32.48
CA GLU B 477 -17.19 7.09 31.41
C GLU B 477 -15.70 7.41 31.48
N LEU B 478 -15.02 7.31 30.34
CA LEU B 478 -13.65 7.76 30.26
C LEU B 478 -13.63 9.09 29.57
N LYS B 479 -12.92 10.04 30.16
CA LYS B 479 -12.76 11.35 29.56
C LYS B 479 -11.30 11.77 29.59
N GLY B 480 -10.46 11.04 28.87
CA GLY B 480 -9.09 11.47 28.70
C GLY B 480 -8.16 10.89 29.74
N GLY B 481 -6.95 11.43 29.82
CA GLY B 481 -6.01 10.97 30.81
C GLY B 481 -4.76 10.32 30.25
N ARG B 482 -3.71 10.37 31.05
CA ARG B 482 -2.44 9.72 30.76
C ARG B 482 -2.64 8.24 30.40
N PHE B 483 -3.58 7.56 31.07
CA PHE B 483 -3.77 6.12 30.88
C PHE B 483 -5.01 5.82 30.03
N SER B 484 -5.57 6.87 29.46
CA SER B 484 -6.67 6.81 28.51
C SER B 484 -6.33 5.93 27.29
N SER B 485 -5.15 6.20 26.73
CA SER B 485 -4.68 5.54 25.52
C SER B 485 -4.39 4.09 25.82
N THR B 486 -3.86 3.85 27.01
CA THR B 486 -3.53 2.50 27.42
C THR B 486 -4.81 1.64 27.44
N PHE B 487 -5.90 2.21 27.94
CA PHE B 487 -7.15 1.46 27.98
C PHE B 487 -7.62 1.11 26.57
N TRP B 488 -7.44 2.06 25.65
CA TRP B 488 -7.82 1.88 24.25
C TRP B 488 -7.02 0.74 23.62
N LYS B 489 -5.74 0.69 23.95
CA LYS B 489 -4.86 -0.31 23.36
C LYS B 489 -5.17 -1.69 23.91
N VAL B 490 -5.44 -1.78 25.21
CA VAL B 490 -5.82 -3.05 25.82
C VAL B 490 -7.14 -3.58 25.26
N VAL B 491 -8.09 -2.68 25.01
CA VAL B 491 -9.37 -3.12 24.46
C VAL B 491 -9.20 -3.65 23.04
N TYR B 492 -8.65 -2.83 22.16
CA TYR B 492 -8.62 -3.20 20.76
C TYR B 492 -7.63 -4.34 20.44
N ILE B 493 -6.56 -4.51 21.22
CA ILE B 493 -5.69 -5.67 20.92
C ILE B 493 -6.41 -6.99 21.25
N GLN B 494 -7.46 -6.94 22.04
CA GLN B 494 -8.26 -8.12 22.34
C GLN B 494 -9.37 -8.33 21.30
N LEU B 495 -9.81 -7.24 20.68
CA LEU B 495 -10.88 -7.28 19.69
C LEU B 495 -10.38 -7.75 18.32
N LEU B 496 -9.06 -7.68 18.11
CA LEU B 496 -8.46 -8.12 16.85
C LEU B 496 -8.65 -9.62 16.70
N LEU B 497 -8.85 -10.09 15.47
CA LEU B 497 -9.32 -11.45 15.23
C LEU B 497 -8.23 -12.46 14.87
N SER B 498 -6.98 -12.04 14.89
CA SER B 498 -5.88 -12.97 14.69
C SER B 498 -4.67 -12.56 15.50
N TRP B 499 -3.76 -13.50 15.75
CA TRP B 499 -2.48 -13.18 16.38
C TRP B 499 -1.59 -12.34 15.47
N LYS B 500 -1.74 -12.58 14.16
CA LYS B 500 -1.04 -11.82 13.14
C LYS B 500 -1.33 -10.35 13.32
N SER B 501 -2.61 -10.04 13.47
CA SER B 501 -3.00 -8.66 13.57
C SER B 501 -2.53 -8.04 14.88
N ARG B 502 -2.43 -8.86 15.93
CA ARG B 502 -1.97 -8.37 17.22
C ARG B 502 -0.49 -8.02 17.18
N PHE B 503 0.28 -8.88 16.53
CA PHE B 503 1.67 -8.62 16.26
C PHE B 503 1.81 -7.23 15.67
N HIS B 504 1.13 -7.00 14.55
CA HIS B 504 1.24 -5.73 13.82
C HIS B 504 0.75 -4.56 14.66
N PHE B 505 -0.31 -4.79 15.43
CA PHE B 505 -0.82 -3.79 16.35
C PHE B 505 0.32 -3.31 17.25
N PHE B 506 0.96 -4.28 17.89
CA PHE B 506 2.06 -3.96 18.78
C PHE B 506 3.23 -3.28 18.02
N ILE B 507 3.63 -3.85 16.90
CA ILE B 507 4.79 -3.36 16.16
C ILE B 507 4.54 -1.97 15.56
N ASP B 508 3.36 -1.77 15.00
CA ASP B 508 3.03 -0.51 14.36
C ASP B 508 3.05 0.66 15.34
N PHE B 509 2.68 0.44 16.60
CA PHE B 509 2.76 1.52 17.58
C PHE B 509 4.20 1.83 18.01
N ILE B 510 5.02 0.80 18.18
CA ILE B 510 6.44 1.00 18.37
C ILE B 510 7.02 1.82 17.21
N LYS B 511 6.73 1.40 15.98
CA LYS B 511 7.27 2.07 14.81
C LYS B 511 6.90 3.55 14.84
N THR B 512 5.63 3.79 15.14
CA THR B 512 5.13 5.16 15.13
C THR B 512 5.78 5.95 16.25
N LYS B 513 5.93 5.33 17.42
CA LYS B 513 6.56 6.03 18.53
C LYS B 513 8.03 6.38 18.23
N TRP B 514 8.85 5.40 17.86
CA TRP B 514 10.29 5.62 17.69
C TRP B 514 10.64 6.42 16.42
N TYR B 515 9.95 6.15 15.33
CA TYR B 515 10.35 6.68 14.03
C TYR B 515 9.32 7.62 13.41
N GLY B 516 8.08 7.59 13.89
CA GLY B 516 7.07 8.50 13.38
C GLY B 516 6.27 8.02 12.18
N ARG B 517 5.27 8.78 11.80
CA ARG B 517 4.44 8.45 10.67
C ARG B 517 5.20 8.65 9.36
N PRO B 518 4.89 7.83 8.34
CA PRO B 518 5.57 7.89 7.04
C PRO B 518 4.96 8.89 6.05
N PHE B 519 5.73 9.37 5.08
CA PHE B 519 5.23 10.25 4.03
C PHE B 519 5.15 9.63 2.62
N ILE B 520 5.47 8.35 2.49
CA ILE B 520 5.33 7.60 1.24
C ILE B 520 3.92 7.75 0.62
N LYS B 521 3.85 8.05 -0.69
CA LYS B 521 2.53 8.19 -1.34
C LYS B 521 2.48 7.72 -2.80
#